data_2LU2
#
_entry.id   2LU2
#
_entity_poly.entity_id   1
_entity_poly.type   'polypeptide(L)'
_entity_poly.pdbx_seq_one_letter_code
;RTMDTQNDVESAGRQSEPMEAADRQAEHPGAPTQSEMKEFQEEIKEGVEETKHEGDPEMTRLMVTEKQESKNFSKMAKSQ
SFSTRIEELGGSISFLTETGVTMIELPKTVSEHDMDQLLHDILAAGGVVGLDSEVKLA
;
_entity_poly.pdbx_strand_id   A
#
# COMPACT_ATOMS: atom_id res chain seq x y z
N GLU A 58 0.94 -10.31 -10.33
CA GLU A 58 1.81 -9.14 -10.50
C GLU A 58 1.36 -8.02 -9.57
N MET A 59 2.28 -7.13 -9.17
CA MET A 59 1.95 -6.06 -8.21
C MET A 59 3.14 -5.17 -7.83
N THR A 60 2.95 -3.86 -8.00
CA THR A 60 3.94 -2.84 -7.66
C THR A 60 3.94 -2.57 -6.17
N ARG A 61 5.08 -2.74 -5.54
CA ARG A 61 5.17 -2.65 -4.10
C ARG A 61 5.61 -1.26 -3.67
N LEU A 62 4.75 -0.59 -2.91
CA LEU A 62 5.10 0.71 -2.34
C LEU A 62 5.51 0.53 -0.89
N MET A 63 6.69 0.97 -0.55
CA MET A 63 7.15 0.90 0.83
C MET A 63 6.71 2.13 1.60
N VAL A 64 5.63 1.96 2.33
CA VAL A 64 5.06 3.02 3.15
C VAL A 64 5.68 2.95 4.54
N THR A 65 5.93 4.09 5.16
CA THR A 65 6.47 4.08 6.52
C THR A 65 5.56 4.80 7.51
N GLU A 66 5.26 4.10 8.59
CA GLU A 66 4.40 4.63 9.63
C GLU A 66 5.23 5.15 10.79
N LYS A 67 5.19 6.46 10.96
CA LYS A 67 5.86 7.12 12.06
C LYS A 67 5.12 8.42 12.36
N GLN A 68 5.67 9.30 13.18
CA GLN A 68 4.96 10.54 13.55
C GLN A 68 4.48 11.30 12.30
N GLU A 69 5.08 10.99 11.16
CA GLU A 69 4.63 11.48 9.87
C GLU A 69 3.34 10.79 9.42
N SER A 70 3.42 9.47 9.25
CA SER A 70 2.36 8.72 8.59
C SER A 70 1.76 7.64 9.49
N LYS A 71 1.89 7.78 10.80
CA LYS A 71 1.29 6.80 11.72
C LYS A 71 -0.22 6.69 11.55
N ASN A 72 -0.82 7.66 10.88
CA ASN A 72 -2.24 7.63 10.56
C ASN A 72 -2.53 6.49 9.58
N PHE A 73 -1.51 6.12 8.82
CA PHE A 73 -1.63 5.08 7.82
C PHE A 73 -1.63 3.70 8.44
N SER A 74 -0.93 3.55 9.56
CA SER A 74 -0.71 2.25 10.18
C SER A 74 -2.01 1.44 10.28
N LYS A 75 -3.03 2.07 10.83
CA LYS A 75 -4.31 1.40 11.05
C LYS A 75 -5.21 1.51 9.81
N MET A 76 -4.84 2.38 8.89
CA MET A 76 -5.60 2.53 7.65
C MET A 76 -5.45 1.28 6.82
N ALA A 77 -4.20 0.86 6.64
CA ALA A 77 -3.89 -0.33 5.87
C ALA A 77 -4.47 -1.57 6.53
N LYS A 78 -4.59 -1.52 7.84
CA LYS A 78 -5.09 -2.62 8.63
C LYS A 78 -6.61 -2.67 8.62
N SER A 79 -7.21 -1.61 8.12
CA SER A 79 -8.66 -1.49 8.12
C SER A 79 -9.25 -2.50 7.15
N GLN A 80 -10.48 -2.94 7.41
CA GLN A 80 -11.15 -3.93 6.58
C GLN A 80 -11.18 -3.50 5.12
N SER A 81 -11.33 -2.21 4.90
CA SER A 81 -11.36 -1.65 3.56
C SER A 81 -10.02 -1.84 2.87
N PHE A 82 -8.94 -1.41 3.52
CA PHE A 82 -7.63 -1.46 2.90
C PHE A 82 -7.02 -2.88 2.98
N SER A 83 -7.49 -3.69 3.90
CA SER A 83 -7.03 -5.07 3.94
C SER A 83 -7.31 -5.78 2.61
N THR A 84 -8.46 -5.48 2.04
CA THR A 84 -8.95 -6.18 0.88
C THR A 84 -8.63 -5.48 -0.45
N ARG A 85 -8.71 -4.15 -0.45
CA ARG A 85 -8.79 -3.35 -1.69
C ARG A 85 -7.89 -3.83 -2.84
N ILE A 86 -6.60 -4.05 -2.58
CA ILE A 86 -5.68 -4.42 -3.63
C ILE A 86 -5.58 -5.94 -3.75
N GLU A 87 -5.71 -6.61 -2.61
CA GLU A 87 -5.65 -8.07 -2.56
C GLU A 87 -6.59 -8.73 -3.56
N GLU A 88 -7.75 -8.11 -3.80
CA GLU A 88 -8.71 -8.66 -4.75
C GLU A 88 -8.42 -8.18 -6.16
N LEU A 89 -7.50 -7.25 -6.28
CA LEU A 89 -7.12 -6.70 -7.57
C LEU A 89 -5.89 -7.40 -8.13
N GLY A 90 -5.12 -8.00 -7.25
CA GLY A 90 -3.93 -8.71 -7.69
C GLY A 90 -2.74 -8.45 -6.79
N GLY A 91 -2.81 -7.38 -6.01
CA GLY A 91 -1.71 -7.04 -5.11
C GLY A 91 -2.03 -7.42 -3.67
N SER A 92 -1.46 -6.70 -2.69
CA SER A 92 -1.71 -6.98 -1.27
C SER A 92 -0.90 -6.08 -0.33
N ILE A 93 -1.07 -6.32 0.97
CA ILE A 93 -0.33 -5.58 2.00
C ILE A 93 0.84 -6.43 2.53
N SER A 94 1.93 -5.77 2.90
CA SER A 94 3.01 -6.40 3.63
C SER A 94 3.47 -5.51 4.77
N PHE A 95 3.22 -5.92 6.00
CA PHE A 95 3.64 -5.12 7.14
C PHE A 95 5.00 -5.57 7.63
N LEU A 96 5.91 -4.63 7.72
CA LEU A 96 7.24 -4.87 8.25
C LEU A 96 7.35 -4.09 9.56
N THR A 97 6.72 -4.64 10.59
CA THR A 97 6.50 -3.92 11.85
C THR A 97 7.80 -3.70 12.63
N GLU A 98 8.89 -4.30 12.16
CA GLU A 98 10.21 -4.11 12.77
C GLU A 98 10.57 -2.64 12.83
N THR A 99 10.26 -1.92 11.76
CA THR A 99 10.64 -0.54 11.63
C THR A 99 9.39 0.34 11.46
N GLY A 100 8.28 -0.28 11.08
CA GLY A 100 7.07 0.48 10.84
C GLY A 100 6.85 0.74 9.37
N VAL A 101 7.13 -0.27 8.55
CA VAL A 101 6.95 -0.13 7.12
C VAL A 101 5.79 -0.99 6.64
N THR A 102 5.01 -0.44 5.71
CA THR A 102 3.95 -1.19 5.07
C THR A 102 4.18 -1.23 3.56
N MET A 103 4.56 -2.39 3.03
CA MET A 103 4.76 -2.53 1.60
C MET A 103 3.45 -2.91 0.91
N ILE A 104 2.88 -1.98 0.16
CA ILE A 104 1.67 -2.28 -0.61
C ILE A 104 2.01 -2.66 -2.02
N GLU A 105 1.74 -3.89 -2.36
CA GLU A 105 1.91 -4.35 -3.71
C GLU A 105 0.61 -4.14 -4.49
N LEU A 106 0.68 -3.43 -5.60
CA LEU A 106 -0.48 -3.20 -6.45
C LEU A 106 -0.09 -3.29 -7.92
N PRO A 107 -0.75 -4.16 -8.67
CA PRO A 107 -0.47 -4.33 -10.08
C PRO A 107 -1.05 -3.21 -10.90
N LYS A 108 -0.36 -2.81 -11.94
CA LYS A 108 -0.83 -1.74 -12.79
C LYS A 108 -1.89 -2.28 -13.73
N THR A 109 -2.23 -3.54 -13.50
CA THR A 109 -3.32 -4.18 -14.20
C THR A 109 -4.64 -3.95 -13.48
N VAL A 110 -4.57 -3.37 -12.27
CA VAL A 110 -5.77 -2.91 -11.58
C VAL A 110 -6.40 -1.79 -12.39
N SER A 111 -7.67 -1.51 -12.13
CA SER A 111 -8.31 -0.37 -12.71
C SER A 111 -7.62 0.90 -12.20
N GLU A 112 -7.50 1.92 -13.05
CA GLU A 112 -6.77 3.14 -12.69
C GLU A 112 -7.27 3.70 -11.36
N HIS A 113 -8.56 3.56 -11.11
CA HIS A 113 -9.16 3.97 -9.85
C HIS A 113 -8.48 3.26 -8.69
N ASP A 114 -8.34 1.96 -8.81
CA ASP A 114 -7.73 1.16 -7.76
C ASP A 114 -6.25 1.42 -7.67
N MET A 115 -5.64 1.79 -8.78
CA MET A 115 -4.23 2.10 -8.78
C MET A 115 -3.99 3.47 -8.16
N ASP A 116 -4.59 4.48 -8.74
CA ASP A 116 -4.37 5.85 -8.30
C ASP A 116 -4.99 6.08 -6.93
N GLN A 117 -6.29 5.87 -6.83
CA GLN A 117 -7.05 6.25 -5.65
C GLN A 117 -6.78 5.35 -4.44
N LEU A 118 -6.37 4.11 -4.67
CA LEU A 118 -6.07 3.23 -3.53
C LEU A 118 -4.64 3.44 -3.06
N LEU A 119 -3.71 3.67 -3.97
CA LEU A 119 -2.37 4.08 -3.58
C LEU A 119 -2.42 5.51 -3.04
N HIS A 120 -3.51 6.18 -3.33
CA HIS A 120 -3.78 7.52 -2.81
C HIS A 120 -4.49 7.42 -1.48
N ASP A 121 -5.18 6.31 -1.25
CA ASP A 121 -5.82 6.04 0.04
C ASP A 121 -4.73 5.98 1.07
N ILE A 122 -3.59 5.50 0.60
CA ILE A 122 -2.36 5.50 1.33
C ILE A 122 -2.03 6.93 1.78
N LEU A 123 -1.96 7.83 0.80
CA LEU A 123 -1.65 9.24 1.07
C LEU A 123 -2.75 9.91 1.86
N ALA A 124 -3.98 9.46 1.68
CA ALA A 124 -5.13 9.93 2.44
C ALA A 124 -4.90 9.72 3.91
N ALA A 125 -4.11 8.70 4.20
CA ALA A 125 -3.82 8.30 5.56
C ALA A 125 -2.48 8.87 5.99
N GLY A 126 -1.91 9.67 5.11
CA GLY A 126 -0.61 10.25 5.37
C GLY A 126 0.49 9.30 4.98
N GLY A 127 0.10 8.10 4.59
CA GLY A 127 1.03 7.08 4.19
C GLY A 127 1.85 7.50 2.99
N VAL A 128 3.16 7.36 3.12
CA VAL A 128 4.07 7.79 2.08
C VAL A 128 4.44 6.63 1.17
N VAL A 129 4.45 6.88 -0.12
CA VAL A 129 4.66 5.81 -1.09
C VAL A 129 6.07 5.84 -1.68
N GLY A 130 6.80 4.75 -1.46
CA GLY A 130 8.11 4.60 -2.07
C GLY A 130 8.15 3.39 -2.97
N LEU A 131 8.82 3.50 -4.10
CA LEU A 131 8.83 2.42 -5.08
C LEU A 131 9.80 1.32 -4.67
N ASP A 132 9.25 0.21 -4.20
CA ASP A 132 10.04 -1.00 -3.97
C ASP A 132 10.41 -1.58 -5.31
N SER A 133 9.37 -1.71 -6.13
CA SER A 133 9.45 -2.36 -7.41
C SER A 133 8.10 -2.30 -8.08
N GLU A 134 8.07 -2.06 -9.38
CA GLU A 134 6.82 -2.07 -10.11
C GLU A 134 6.52 -3.49 -10.55
N VAL A 135 5.22 -3.83 -10.55
CA VAL A 135 4.73 -5.20 -10.75
C VAL A 135 5.76 -6.28 -10.41
N LYS A 136 5.68 -6.78 -9.17
CA LYS A 136 6.60 -7.77 -8.60
C LYS A 136 8.00 -7.74 -9.20
N LEU A 137 8.67 -6.62 -8.95
CA LEU A 137 10.07 -6.44 -9.32
C LEU A 137 10.28 -6.54 -10.82
N ALA A 138 9.84 -5.50 -11.51
CA ALA A 138 10.05 -5.37 -12.94
C ALA A 138 11.25 -4.46 -13.20
N GLU A 58 1.40 -10.61 -9.90
CA GLU A 58 2.00 -9.31 -10.29
C GLU A 58 1.46 -8.19 -9.41
N MET A 59 2.35 -7.34 -8.88
CA MET A 59 1.93 -6.24 -8.01
C MET A 59 3.12 -5.39 -7.56
N THR A 60 3.10 -4.12 -7.96
CA THR A 60 4.15 -3.14 -7.62
C THR A 60 4.13 -2.82 -6.14
N ARG A 61 5.28 -2.91 -5.51
CA ARG A 61 5.36 -2.80 -4.06
C ARG A 61 5.76 -1.37 -3.65
N LEU A 62 4.90 -0.67 -2.91
CA LEU A 62 5.25 0.66 -2.41
C LEU A 62 5.57 0.58 -0.93
N MET A 63 6.77 1.00 -0.55
CA MET A 63 7.13 1.02 0.86
C MET A 63 6.54 2.24 1.54
N VAL A 64 5.55 2.01 2.38
CA VAL A 64 4.96 3.04 3.19
C VAL A 64 5.59 2.99 4.57
N THR A 65 5.81 4.14 5.20
CA THR A 65 6.42 4.14 6.52
C THR A 65 5.55 4.84 7.55
N GLU A 66 5.29 4.15 8.64
CA GLU A 66 4.45 4.69 9.69
C GLU A 66 5.29 5.35 10.79
N LYS A 67 5.18 6.67 10.84
CA LYS A 67 5.78 7.47 11.89
C LYS A 67 4.91 8.71 12.06
N GLN A 68 5.33 9.72 12.78
CA GLN A 68 4.47 10.90 12.97
C GLN A 68 4.06 11.50 11.63
N GLU A 69 4.81 11.14 10.60
CA GLU A 69 4.45 11.42 9.21
C GLU A 69 3.15 10.71 8.82
N SER A 70 3.16 9.38 8.90
CA SER A 70 2.09 8.57 8.34
C SER A 70 1.55 7.53 9.32
N LYS A 71 1.72 7.74 10.62
CA LYS A 71 1.19 6.81 11.62
C LYS A 71 -0.31 6.60 11.46
N ASN A 72 -0.98 7.59 10.88
CA ASN A 72 -2.40 7.48 10.59
C ASN A 72 -2.65 6.30 9.65
N PHE A 73 -1.67 6.03 8.79
CA PHE A 73 -1.76 4.96 7.81
C PHE A 73 -1.64 3.59 8.46
N SER A 74 -0.96 3.53 9.62
CA SER A 74 -0.67 2.25 10.27
C SER A 74 -1.93 1.39 10.38
N LYS A 75 -3.01 1.98 10.87
CA LYS A 75 -4.26 1.25 11.06
C LYS A 75 -5.13 1.30 9.81
N MET A 76 -4.78 2.19 8.87
CA MET A 76 -5.51 2.25 7.60
C MET A 76 -5.30 0.97 6.84
N ALA A 77 -4.04 0.57 6.73
CA ALA A 77 -3.67 -0.65 6.03
C ALA A 77 -4.16 -1.88 6.78
N LYS A 78 -4.42 -1.71 8.07
CA LYS A 78 -4.91 -2.80 8.91
C LYS A 78 -6.43 -2.82 8.90
N SER A 79 -7.02 -1.79 8.32
CA SER A 79 -8.46 -1.64 8.32
C SER A 79 -9.08 -2.60 7.31
N GLN A 80 -10.32 -3.00 7.56
CA GLN A 80 -11.02 -3.95 6.69
C GLN A 80 -11.07 -3.43 5.25
N SER A 81 -11.26 -2.12 5.12
CA SER A 81 -11.33 -1.49 3.81
C SER A 81 -10.03 -1.68 3.04
N PHE A 82 -8.93 -1.27 3.64
CA PHE A 82 -7.65 -1.33 2.97
C PHE A 82 -7.07 -2.74 3.02
N SER A 83 -7.54 -3.56 3.92
CA SER A 83 -7.10 -4.95 3.95
C SER A 83 -7.44 -5.61 2.62
N THR A 84 -8.60 -5.29 2.08
CA THR A 84 -9.14 -5.95 0.91
C THR A 84 -8.83 -5.23 -0.41
N ARG A 85 -8.75 -3.89 -0.34
CA ARG A 85 -8.82 -3.04 -1.55
C ARG A 85 -7.96 -3.53 -2.73
N ILE A 86 -6.67 -3.75 -2.54
CA ILE A 86 -5.79 -4.12 -3.64
C ILE A 86 -5.77 -5.63 -3.80
N GLU A 87 -5.96 -6.34 -2.69
CA GLU A 87 -5.95 -7.79 -2.67
C GLU A 87 -6.93 -8.38 -3.68
N GLU A 88 -8.02 -7.67 -3.93
CA GLU A 88 -9.01 -8.14 -4.89
C GLU A 88 -8.64 -7.73 -6.30
N LEU A 89 -7.82 -6.70 -6.42
CA LEU A 89 -7.36 -6.25 -7.71
C LEU A 89 -6.14 -7.04 -8.16
N GLY A 90 -5.40 -7.59 -7.21
CA GLY A 90 -4.28 -8.44 -7.55
C GLY A 90 -3.06 -8.21 -6.67
N GLY A 91 -3.08 -7.19 -5.84
CA GLY A 91 -1.97 -6.90 -4.96
C GLY A 91 -2.28 -7.26 -3.52
N SER A 92 -1.62 -6.60 -2.55
CA SER A 92 -1.90 -6.83 -1.13
C SER A 92 -1.00 -5.99 -0.22
N ILE A 93 -1.17 -6.16 1.10
CA ILE A 93 -0.37 -5.44 2.10
C ILE A 93 0.78 -6.32 2.61
N SER A 94 1.90 -5.68 2.94
CA SER A 94 2.98 -6.35 3.65
C SER A 94 3.45 -5.47 4.79
N PHE A 95 3.31 -5.93 6.02
CA PHE A 95 3.76 -5.17 7.16
C PHE A 95 5.15 -5.59 7.60
N LEU A 96 6.08 -4.68 7.43
CA LEU A 96 7.44 -4.87 7.89
C LEU A 96 7.61 -4.02 9.14
N THR A 97 7.07 -4.53 10.24
CA THR A 97 6.96 -3.79 11.48
C THR A 97 8.31 -3.55 12.15
N GLU A 98 9.36 -4.09 11.54
CA GLU A 98 10.73 -3.83 11.94
C GLU A 98 10.97 -2.33 12.09
N THR A 99 10.74 -1.59 11.01
CA THR A 99 10.94 -0.15 11.03
C THR A 99 9.59 0.57 11.04
N GLY A 100 8.51 -0.19 10.86
CA GLY A 100 7.20 0.41 10.73
C GLY A 100 6.88 0.67 9.28
N VAL A 101 7.24 -0.27 8.42
CA VAL A 101 7.02 -0.13 7.00
C VAL A 101 5.86 -0.99 6.53
N THR A 102 4.95 -0.39 5.78
CA THR A 102 3.90 -1.14 5.13
C THR A 102 4.13 -1.15 3.61
N MET A 103 4.56 -2.27 3.09
CA MET A 103 4.75 -2.40 1.64
C MET A 103 3.44 -2.80 0.97
N ILE A 104 2.87 -1.92 0.17
CA ILE A 104 1.68 -2.26 -0.58
C ILE A 104 2.04 -2.69 -1.98
N GLU A 105 1.73 -3.93 -2.28
CA GLU A 105 1.91 -4.46 -3.60
C GLU A 105 0.63 -4.26 -4.42
N LEU A 106 0.78 -3.64 -5.58
CA LEU A 106 -0.34 -3.37 -6.47
C LEU A 106 0.12 -3.42 -7.91
N PRO A 107 -0.51 -4.25 -8.72
CA PRO A 107 -0.16 -4.37 -10.12
C PRO A 107 -0.61 -3.14 -10.89
N LYS A 108 0.27 -2.60 -11.71
CA LYS A 108 -0.08 -1.42 -12.48
C LYS A 108 -1.09 -1.77 -13.57
N THR A 109 -1.54 -3.01 -13.51
CA THR A 109 -2.57 -3.50 -14.40
C THR A 109 -3.96 -3.36 -13.79
N VAL A 110 -4.02 -2.98 -12.51
CA VAL A 110 -5.30 -2.64 -11.88
C VAL A 110 -5.96 -1.48 -12.61
N SER A 111 -7.27 -1.33 -12.41
CA SER A 111 -7.96 -0.13 -12.84
C SER A 111 -7.33 1.07 -12.14
N GLU A 112 -7.24 2.21 -12.82
CA GLU A 112 -6.56 3.37 -12.26
C GLU A 112 -7.23 3.83 -10.96
N HIS A 113 -8.49 3.44 -10.77
CA HIS A 113 -9.19 3.71 -9.51
C HIS A 113 -8.44 3.10 -8.33
N ASP A 114 -7.77 1.99 -8.61
CA ASP A 114 -7.04 1.23 -7.60
C ASP A 114 -5.59 1.73 -7.54
N MET A 115 -4.99 1.88 -8.70
CA MET A 115 -3.60 2.31 -8.80
C MET A 115 -3.44 3.77 -8.38
N ASP A 116 -4.41 4.59 -8.74
CA ASP A 116 -4.36 6.00 -8.37
C ASP A 116 -5.02 6.22 -7.02
N GLN A 117 -6.33 6.02 -6.95
CA GLN A 117 -7.10 6.40 -5.77
C GLN A 117 -6.82 5.49 -4.56
N LEU A 118 -6.61 4.19 -4.76
CA LEU A 118 -6.32 3.32 -3.62
C LEU A 118 -4.88 3.50 -3.14
N LEU A 119 -3.94 3.61 -4.07
CA LEU A 119 -2.57 4.01 -3.69
C LEU A 119 -2.57 5.42 -3.12
N HIS A 120 -3.63 6.16 -3.41
CA HIS A 120 -3.81 7.48 -2.87
C HIS A 120 -4.55 7.40 -1.54
N ASP A 121 -5.25 6.29 -1.30
CA ASP A 121 -5.91 6.05 -0.02
C ASP A 121 -4.82 5.89 1.02
N ILE A 122 -3.71 5.41 0.53
CA ILE A 122 -2.49 5.38 1.28
C ILE A 122 -2.15 6.78 1.76
N LEU A 123 -2.05 7.69 0.80
CA LEU A 123 -1.78 9.09 1.09
C LEU A 123 -2.92 9.73 1.85
N ALA A 124 -4.12 9.21 1.65
CA ALA A 124 -5.31 9.66 2.35
C ALA A 124 -5.15 9.46 3.85
N ALA A 125 -4.27 8.53 4.19
CA ALA A 125 -3.99 8.19 5.57
C ALA A 125 -2.65 8.74 5.97
N GLY A 126 -2.09 9.58 5.11
CA GLY A 126 -0.80 10.16 5.37
C GLY A 126 0.31 9.26 4.87
N GLY A 127 -0.08 8.04 4.53
CA GLY A 127 0.85 7.05 4.04
C GLY A 127 1.67 7.54 2.88
N VAL A 128 2.94 7.23 2.89
CA VAL A 128 3.85 7.64 1.83
C VAL A 128 4.20 6.45 0.95
N VAL A 129 4.21 6.64 -0.35
CA VAL A 129 4.39 5.53 -1.27
C VAL A 129 5.77 5.52 -1.89
N GLY A 130 6.34 4.33 -2.02
CA GLY A 130 7.62 4.17 -2.67
C GLY A 130 7.54 3.28 -3.88
N LEU A 131 8.69 2.84 -4.39
CA LEU A 131 8.75 1.95 -5.54
C LEU A 131 9.72 0.79 -5.27
N ASP A 132 9.22 -0.20 -4.54
CA ASP A 132 9.97 -1.43 -4.28
C ASP A 132 9.77 -2.38 -5.43
N SER A 133 10.27 -1.97 -6.58
CA SER A 133 10.11 -2.70 -7.83
C SER A 133 8.67 -2.65 -8.30
N GLU A 134 8.48 -2.61 -9.61
CA GLU A 134 7.15 -2.73 -10.15
C GLU A 134 6.73 -4.20 -10.11
N VAL A 135 5.57 -4.52 -10.71
CA VAL A 135 4.85 -5.79 -10.47
C VAL A 135 5.72 -6.89 -9.85
N LYS A 136 5.63 -6.99 -8.52
CA LYS A 136 6.43 -7.89 -7.67
C LYS A 136 7.83 -8.14 -8.20
N LEU A 137 8.71 -7.20 -7.86
CA LEU A 137 10.12 -7.29 -8.18
C LEU A 137 10.35 -7.45 -9.69
N ALA A 138 9.69 -6.60 -10.45
CA ALA A 138 9.85 -6.57 -11.90
C ALA A 138 10.95 -5.58 -12.27
N GLU A 58 1.51 -10.29 -10.51
CA GLU A 58 1.68 -8.88 -10.90
C GLU A 58 1.32 -7.97 -9.74
N MET A 59 2.28 -7.16 -9.27
CA MET A 59 2.01 -6.20 -8.19
C MET A 59 3.23 -5.36 -7.84
N THR A 60 3.10 -4.07 -8.06
CA THR A 60 4.15 -3.11 -7.75
C THR A 60 4.12 -2.74 -6.27
N ARG A 61 5.25 -2.90 -5.62
CA ARG A 61 5.35 -2.72 -4.19
C ARG A 61 5.76 -1.30 -3.85
N LEU A 62 4.91 -0.60 -3.08
CA LEU A 62 5.24 0.73 -2.59
C LEU A 62 5.48 0.67 -1.09
N MET A 63 6.67 1.03 -0.66
CA MET A 63 6.96 1.08 0.76
C MET A 63 6.30 2.29 1.40
N VAL A 64 5.48 2.01 2.39
CA VAL A 64 4.86 3.03 3.19
C VAL A 64 5.50 3.01 4.56
N THR A 65 5.83 4.16 5.13
CA THR A 65 6.40 4.16 6.46
C THR A 65 5.50 4.84 7.46
N GLU A 66 5.23 4.14 8.55
CA GLU A 66 4.43 4.66 9.63
C GLU A 66 5.33 5.29 10.69
N LYS A 67 5.24 6.61 10.82
CA LYS A 67 6.04 7.34 11.80
C LYS A 67 5.26 8.53 12.29
N GLN A 68 5.88 9.41 13.07
CA GLN A 68 5.20 10.62 13.59
C GLN A 68 4.50 11.39 12.47
N GLU A 69 4.88 11.08 11.24
CA GLU A 69 4.27 11.65 10.05
C GLU A 69 3.07 10.83 9.60
N SER A 70 3.33 9.57 9.26
CA SER A 70 2.32 8.73 8.61
C SER A 70 1.84 7.59 9.48
N LYS A 71 2.05 7.68 10.80
CA LYS A 71 1.56 6.67 11.71
C LYS A 71 0.05 6.47 11.58
N ASN A 72 -0.64 7.48 11.06
CA ASN A 72 -2.07 7.38 10.77
C ASN A 72 -2.35 6.22 9.85
N PHE A 73 -1.42 5.96 8.96
CA PHE A 73 -1.57 4.90 7.96
C PHE A 73 -1.53 3.52 8.61
N SER A 74 -0.91 3.42 9.78
CA SER A 74 -0.68 2.12 10.41
C SER A 74 -1.98 1.32 10.54
N LYS A 75 -3.05 2.00 10.94
CA LYS A 75 -4.34 1.34 11.07
C LYS A 75 -5.12 1.36 9.76
N MET A 76 -4.78 2.27 8.87
CA MET A 76 -5.46 2.37 7.58
C MET A 76 -5.26 1.10 6.79
N ALA A 77 -4.01 0.65 6.75
CA ALA A 77 -3.66 -0.57 6.04
C ALA A 77 -4.11 -1.81 6.80
N LYS A 78 -4.65 -1.60 7.98
CA LYS A 78 -5.17 -2.70 8.77
C LYS A 78 -6.68 -2.64 8.81
N SER A 79 -7.24 -1.62 8.18
CA SER A 79 -8.69 -1.45 8.14
C SER A 79 -9.28 -2.44 7.16
N GLN A 80 -10.54 -2.80 7.37
CA GLN A 80 -11.20 -3.80 6.54
C GLN A 80 -11.22 -3.38 5.07
N SER A 81 -11.41 -2.09 4.84
CA SER A 81 -11.45 -1.55 3.49
C SER A 81 -10.11 -1.72 2.79
N PHE A 82 -9.04 -1.27 3.42
CA PHE A 82 -7.72 -1.34 2.82
C PHE A 82 -7.15 -2.74 2.92
N SER A 83 -7.66 -3.53 3.84
CA SER A 83 -7.24 -4.93 3.92
C SER A 83 -7.50 -5.61 2.57
N THR A 84 -8.65 -5.33 1.98
CA THR A 84 -9.12 -6.04 0.83
C THR A 84 -8.77 -5.35 -0.49
N ARG A 85 -8.74 -4.02 -0.49
CA ARG A 85 -8.79 -3.21 -1.72
C ARG A 85 -7.89 -3.75 -2.85
N ILE A 86 -6.60 -3.95 -2.60
CA ILE A 86 -5.68 -4.34 -3.64
C ILE A 86 -5.57 -5.86 -3.75
N GLU A 87 -5.78 -6.52 -2.61
CA GLU A 87 -5.73 -7.98 -2.54
C GLU A 87 -6.64 -8.64 -3.59
N GLU A 88 -7.71 -7.95 -3.95
CA GLU A 88 -8.66 -8.48 -4.94
C GLU A 88 -8.22 -8.12 -6.36
N LEU A 89 -7.21 -7.29 -6.46
CA LEU A 89 -6.72 -6.83 -7.74
C LEU A 89 -5.43 -7.53 -8.15
N GLY A 90 -4.77 -8.14 -7.19
CA GLY A 90 -3.55 -8.86 -7.49
C GLY A 90 -2.45 -8.60 -6.48
N GLY A 91 -2.52 -7.44 -5.85
CA GLY A 91 -1.51 -7.07 -4.87
C GLY A 91 -1.96 -7.38 -3.45
N SER A 92 -1.41 -6.66 -2.46
CA SER A 92 -1.74 -6.92 -1.05
C SER A 92 -0.95 -6.00 -0.11
N ILE A 93 -1.14 -6.21 1.20
CA ILE A 93 -0.43 -5.44 2.23
C ILE A 93 0.68 -6.27 2.87
N SER A 94 1.86 -5.69 3.00
CA SER A 94 2.92 -6.28 3.80
C SER A 94 3.28 -5.36 4.94
N PHE A 95 3.13 -5.83 6.17
CA PHE A 95 3.53 -5.04 7.31
C PHE A 95 4.90 -5.45 7.81
N LEU A 96 5.87 -4.62 7.53
CA LEU A 96 7.22 -4.82 8.01
C LEU A 96 7.36 -4.02 9.30
N THR A 97 6.72 -4.54 10.35
CA THR A 97 6.54 -3.83 11.60
C THR A 97 7.86 -3.66 12.35
N GLU A 98 8.89 -4.39 11.91
CA GLU A 98 10.24 -4.25 12.43
C GLU A 98 10.66 -2.79 12.49
N THR A 99 10.37 -2.06 11.44
CA THR A 99 10.72 -0.66 11.35
C THR A 99 9.46 0.21 11.36
N GLY A 100 8.35 -0.36 10.90
CA GLY A 100 7.14 0.40 10.75
C GLY A 100 6.88 0.73 9.30
N VAL A 101 7.15 -0.23 8.43
CA VAL A 101 6.93 -0.05 7.01
C VAL A 101 5.79 -0.94 6.54
N THR A 102 4.83 -0.36 5.86
CA THR A 102 3.80 -1.13 5.19
C THR A 102 4.03 -1.13 3.69
N MET A 103 4.48 -2.25 3.15
CA MET A 103 4.67 -2.37 1.71
C MET A 103 3.36 -2.75 1.04
N ILE A 104 2.82 -1.87 0.21
CA ILE A 104 1.63 -2.20 -0.56
C ILE A 104 2.02 -2.62 -1.95
N GLU A 105 1.73 -3.86 -2.27
CA GLU A 105 1.91 -4.36 -3.61
C GLU A 105 0.64 -4.14 -4.41
N LEU A 106 0.76 -3.43 -5.51
CA LEU A 106 -0.33 -3.19 -6.43
C LEU A 106 0.18 -3.18 -7.85
N PRO A 107 -0.38 -4.02 -8.70
CA PRO A 107 -0.01 -4.07 -10.11
C PRO A 107 -0.56 -2.85 -10.82
N LYS A 108 0.26 -2.18 -11.59
CA LYS A 108 -0.22 -1.03 -12.34
C LYS A 108 -1.14 -1.48 -13.46
N THR A 109 -1.43 -2.77 -13.44
CA THR A 109 -2.42 -3.36 -14.32
C THR A 109 -3.82 -3.34 -13.67
N VAL A 110 -3.89 -2.95 -12.39
CA VAL A 110 -5.19 -2.71 -11.73
C VAL A 110 -5.95 -1.61 -12.45
N SER A 111 -7.24 -1.52 -12.18
CA SER A 111 -8.03 -0.40 -12.66
C SER A 111 -7.38 0.90 -12.16
N GLU A 112 -7.36 1.94 -12.99
CA GLU A 112 -6.79 3.24 -12.60
C GLU A 112 -7.41 3.70 -11.28
N HIS A 113 -8.68 3.40 -11.12
CA HIS A 113 -9.42 3.69 -9.90
C HIS A 113 -8.75 3.04 -8.70
N ASP A 114 -8.30 1.81 -8.88
CA ASP A 114 -7.67 1.05 -7.83
C ASP A 114 -6.21 1.42 -7.69
N MET A 115 -5.61 1.87 -8.77
CA MET A 115 -4.22 2.26 -8.74
C MET A 115 -4.07 3.64 -8.13
N ASP A 116 -4.58 4.64 -8.81
CA ASP A 116 -4.35 6.01 -8.42
C ASP A 116 -5.04 6.33 -7.11
N GLN A 117 -6.30 5.94 -7.00
CA GLN A 117 -7.11 6.31 -5.85
C GLN A 117 -6.81 5.45 -4.62
N LEU A 118 -6.51 4.17 -4.80
CA LEU A 118 -6.22 3.32 -3.64
C LEU A 118 -4.81 3.55 -3.12
N LEU A 119 -3.87 3.81 -4.02
CA LEU A 119 -2.52 4.20 -3.59
C LEU A 119 -2.55 5.61 -3.04
N HIS A 120 -3.62 6.32 -3.35
CA HIS A 120 -3.84 7.64 -2.80
C HIS A 120 -4.59 7.52 -1.48
N ASP A 121 -5.28 6.40 -1.31
CA ASP A 121 -5.95 6.09 -0.04
C ASP A 121 -4.87 5.91 0.99
N ILE A 122 -3.71 5.51 0.48
CA ILE A 122 -2.50 5.46 1.25
C ILE A 122 -2.14 6.85 1.76
N LEU A 123 -2.08 7.79 0.84
CA LEU A 123 -1.78 9.18 1.15
C LEU A 123 -2.89 9.80 1.99
N ALA A 124 -4.10 9.29 1.83
CA ALA A 124 -5.25 9.72 2.61
C ALA A 124 -5.04 9.40 4.09
N ALA A 125 -4.10 8.51 4.34
CA ALA A 125 -3.75 8.10 5.68
C ALA A 125 -2.41 8.70 6.08
N GLY A 126 -1.89 9.56 5.21
CA GLY A 126 -0.59 10.14 5.44
C GLY A 126 0.50 9.22 4.93
N GLY A 127 0.11 8.01 4.57
CA GLY A 127 1.05 7.01 4.11
C GLY A 127 1.80 7.46 2.87
N VAL A 128 3.10 7.27 2.90
CA VAL A 128 3.95 7.62 1.78
C VAL A 128 4.26 6.40 0.95
N VAL A 129 4.50 6.57 -0.34
CA VAL A 129 4.67 5.44 -1.24
C VAL A 129 6.06 5.45 -1.88
N GLY A 130 6.56 4.27 -2.24
CA GLY A 130 7.84 4.18 -2.92
C GLY A 130 7.83 3.16 -4.04
N LEU A 131 8.99 2.95 -4.67
CA LEU A 131 9.12 1.97 -5.74
C LEU A 131 10.00 0.81 -5.28
N ASP A 132 9.37 -0.19 -4.69
CA ASP A 132 10.07 -1.33 -4.12
C ASP A 132 10.06 -2.51 -5.06
N SER A 133 9.05 -2.58 -5.90
CA SER A 133 8.92 -3.69 -6.82
C SER A 133 8.11 -3.31 -8.03
N GLU A 134 8.71 -3.41 -9.20
CA GLU A 134 7.94 -3.31 -10.43
C GLU A 134 7.33 -4.68 -10.72
N VAL A 135 6.00 -4.74 -10.68
CA VAL A 135 5.22 -6.00 -10.70
C VAL A 135 5.96 -7.20 -10.09
N LYS A 136 5.61 -7.51 -8.83
CA LYS A 136 6.19 -8.58 -8.02
C LYS A 136 7.71 -8.69 -8.15
N LEU A 137 8.40 -7.95 -7.29
CA LEU A 137 9.86 -7.98 -7.24
C LEU A 137 10.33 -8.18 -5.79
N ALA A 138 9.40 -7.99 -4.85
CA ALA A 138 9.63 -8.19 -3.42
C ALA A 138 10.78 -7.34 -2.88
N GLU A 58 1.43 -10.83 -9.44
CA GLU A 58 1.43 -9.64 -10.29
C GLU A 58 1.06 -8.38 -9.49
N MET A 59 2.07 -7.63 -9.00
CA MET A 59 1.79 -6.45 -8.19
C MET A 59 3.03 -5.58 -7.89
N THR A 60 2.87 -4.27 -8.07
CA THR A 60 3.92 -3.27 -7.84
C THR A 60 4.01 -2.86 -6.37
N ARG A 61 5.21 -2.92 -5.81
CA ARG A 61 5.38 -2.74 -4.37
C ARG A 61 5.82 -1.31 -4.03
N LEU A 62 4.99 -0.63 -3.24
CA LEU A 62 5.34 0.69 -2.69
C LEU A 62 5.56 0.58 -1.18
N MET A 63 6.69 1.06 -0.71
CA MET A 63 6.95 1.07 0.72
C MET A 63 6.28 2.27 1.37
N VAL A 64 5.59 2.02 2.45
CA VAL A 64 4.97 3.06 3.23
C VAL A 64 5.60 3.06 4.62
N THR A 65 5.65 4.21 5.28
CA THR A 65 6.24 4.26 6.62
C THR A 65 5.30 4.93 7.59
N GLU A 66 5.07 4.26 8.71
CA GLU A 66 4.18 4.75 9.74
C GLU A 66 4.98 5.30 10.91
N LYS A 67 4.94 6.62 11.09
CA LYS A 67 5.68 7.30 12.15
C LYS A 67 4.86 8.50 12.63
N GLN A 68 5.44 9.37 13.45
CA GLN A 68 4.71 10.53 13.97
C GLN A 68 4.10 11.34 12.84
N GLU A 69 4.64 11.16 11.65
CA GLU A 69 4.15 11.81 10.44
C GLU A 69 2.98 11.05 9.82
N SER A 70 3.13 9.73 9.68
CA SER A 70 2.20 8.94 8.89
C SER A 70 1.66 7.75 9.65
N LYS A 71 1.77 7.76 10.98
CA LYS A 71 1.24 6.68 11.79
C LYS A 71 -0.26 6.51 11.59
N ASN A 72 -0.90 7.54 11.05
CA ASN A 72 -2.32 7.49 10.70
C ASN A 72 -2.59 6.32 9.74
N PHE A 73 -1.57 5.98 8.95
CA PHE A 73 -1.69 4.93 7.96
C PHE A 73 -1.64 3.55 8.60
N SER A 74 -0.98 3.45 9.76
CA SER A 74 -0.71 2.16 10.39
C SER A 74 -1.98 1.33 10.55
N LYS A 75 -3.05 1.94 11.03
CA LYS A 75 -4.30 1.23 11.21
C LYS A 75 -5.17 1.31 9.95
N MET A 76 -4.89 2.28 9.08
CA MET A 76 -5.65 2.45 7.85
C MET A 76 -5.49 1.22 6.97
N ALA A 77 -4.23 0.84 6.78
CA ALA A 77 -3.90 -0.30 5.96
C ALA A 77 -4.50 -1.58 6.53
N LYS A 78 -4.66 -1.62 7.84
CA LYS A 78 -5.15 -2.79 8.52
C LYS A 78 -6.67 -2.80 8.55
N SER A 79 -7.26 -1.70 8.15
CA SER A 79 -8.70 -1.55 8.23
C SER A 79 -9.36 -2.38 7.14
N GLN A 80 -10.61 -2.75 7.34
CA GLN A 80 -11.30 -3.67 6.43
C GLN A 80 -11.27 -3.19 4.99
N SER A 81 -11.39 -1.89 4.79
CA SER A 81 -11.37 -1.31 3.46
C SER A 81 -10.03 -1.54 2.78
N PHE A 82 -8.94 -1.26 3.48
CA PHE A 82 -7.62 -1.36 2.89
C PHE A 82 -7.08 -2.78 2.98
N SER A 83 -7.61 -3.59 3.86
CA SER A 83 -7.20 -4.97 3.90
C SER A 83 -7.41 -5.65 2.54
N THR A 84 -8.61 -5.53 2.01
CA THR A 84 -8.97 -6.31 0.84
C THR A 84 -8.79 -5.52 -0.48
N ARG A 85 -8.62 -4.19 -0.39
CA ARG A 85 -8.71 -3.32 -1.58
C ARG A 85 -7.83 -3.81 -2.74
N ILE A 86 -6.54 -4.00 -2.51
CA ILE A 86 -5.64 -4.41 -3.57
C ILE A 86 -5.55 -5.93 -3.65
N GLU A 87 -5.72 -6.57 -2.50
CA GLU A 87 -5.63 -8.02 -2.39
C GLU A 87 -6.64 -8.72 -3.29
N GLU A 88 -7.73 -8.04 -3.61
CA GLU A 88 -8.73 -8.57 -4.52
C GLU A 88 -8.37 -8.22 -5.96
N LEU A 89 -7.53 -7.22 -6.13
CA LEU A 89 -7.14 -6.74 -7.44
C LEU A 89 -5.90 -7.46 -7.95
N GLY A 90 -5.15 -8.05 -7.05
CA GLY A 90 -3.98 -8.81 -7.45
C GLY A 90 -2.78 -8.55 -6.57
N GLY A 91 -2.75 -7.39 -5.94
CA GLY A 91 -1.65 -7.06 -5.04
C GLY A 91 -1.99 -7.40 -3.60
N SER A 92 -1.39 -6.69 -2.63
CA SER A 92 -1.68 -6.92 -1.22
C SER A 92 -0.86 -6.03 -0.30
N ILE A 93 -1.06 -6.22 1.00
CA ILE A 93 -0.33 -5.48 2.02
C ILE A 93 0.82 -6.33 2.56
N SER A 94 1.93 -5.68 2.87
CA SER A 94 3.02 -6.32 3.58
C SER A 94 3.47 -5.44 4.72
N PHE A 95 3.23 -5.88 5.94
CA PHE A 95 3.63 -5.10 7.09
C PHE A 95 4.99 -5.51 7.60
N LEU A 96 5.93 -4.60 7.50
CA LEU A 96 7.25 -4.79 8.03
C LEU A 96 7.33 -3.96 9.32
N THR A 97 6.54 -4.39 10.30
CA THR A 97 6.32 -3.62 11.53
C THR A 97 7.61 -3.33 12.28
N GLU A 98 8.64 -4.13 12.02
CA GLU A 98 9.94 -3.94 12.66
C GLU A 98 10.43 -2.51 12.54
N THR A 99 10.19 -1.89 11.39
CA THR A 99 10.66 -0.54 11.13
C THR A 99 9.47 0.40 10.91
N GLY A 100 8.28 -0.16 10.95
CA GLY A 100 7.08 0.63 10.71
C GLY A 100 6.88 0.90 9.24
N VAL A 101 7.18 -0.10 8.42
CA VAL A 101 7.02 0.02 6.99
C VAL A 101 5.89 -0.88 6.50
N THR A 102 5.00 -0.34 5.71
CA THR A 102 3.97 -1.12 5.07
C THR A 102 4.16 -1.15 3.55
N MET A 103 4.59 -2.27 3.03
CA MET A 103 4.78 -2.40 1.58
C MET A 103 3.46 -2.78 0.91
N ILE A 104 2.95 -1.90 0.06
CA ILE A 104 1.76 -2.23 -0.71
C ILE A 104 2.13 -2.63 -2.11
N GLU A 105 1.82 -3.86 -2.44
CA GLU A 105 1.99 -4.33 -3.78
C GLU A 105 0.67 -4.17 -4.55
N LEU A 106 0.72 -3.48 -5.68
CA LEU A 106 -0.44 -3.28 -6.53
C LEU A 106 -0.03 -3.33 -8.00
N PRO A 107 -0.68 -4.19 -8.77
CA PRO A 107 -0.37 -4.34 -10.19
C PRO A 107 -0.95 -3.21 -11.02
N LYS A 108 -0.24 -2.82 -12.05
CA LYS A 108 -0.72 -1.77 -12.94
C LYS A 108 -1.79 -2.33 -13.87
N THR A 109 -2.18 -3.56 -13.58
CA THR A 109 -3.31 -4.19 -14.26
C THR A 109 -4.62 -3.86 -13.55
N VAL A 110 -4.53 -3.33 -12.33
CA VAL A 110 -5.72 -2.85 -11.62
C VAL A 110 -6.36 -1.70 -12.38
N SER A 111 -7.61 -1.41 -12.09
CA SER A 111 -8.25 -0.24 -12.67
C SER A 111 -7.51 1.01 -12.17
N GLU A 112 -7.44 2.05 -12.99
CA GLU A 112 -6.73 3.28 -12.60
C GLU A 112 -7.31 3.82 -11.30
N HIS A 113 -8.59 3.57 -11.08
CA HIS A 113 -9.24 3.89 -9.81
C HIS A 113 -8.50 3.22 -8.67
N ASP A 114 -8.29 1.92 -8.80
CA ASP A 114 -7.63 1.15 -7.77
C ASP A 114 -6.15 1.49 -7.68
N MET A 115 -5.56 1.80 -8.81
CA MET A 115 -4.15 2.13 -8.83
C MET A 115 -3.90 3.50 -8.23
N ASP A 116 -4.57 4.51 -8.74
CA ASP A 116 -4.36 5.87 -8.26
C ASP A 116 -5.01 6.08 -6.91
N GLN A 117 -6.32 5.89 -6.87
CA GLN A 117 -7.12 6.25 -5.69
C GLN A 117 -6.82 5.36 -4.48
N LEU A 118 -6.42 4.11 -4.69
CA LEU A 118 -6.11 3.25 -3.56
C LEU A 118 -4.68 3.45 -3.06
N LEU A 119 -3.75 3.70 -3.96
CA LEU A 119 -2.40 4.07 -3.55
C LEU A 119 -2.40 5.49 -3.02
N HIS A 120 -3.48 6.20 -3.31
CA HIS A 120 -3.71 7.52 -2.79
C HIS A 120 -4.41 7.43 -1.45
N ASP A 121 -5.10 6.32 -1.23
CA ASP A 121 -5.74 6.05 0.07
C ASP A 121 -4.64 5.92 1.08
N ILE A 122 -3.50 5.46 0.58
CA ILE A 122 -2.28 5.42 1.32
C ILE A 122 -1.92 6.82 1.81
N LEU A 123 -1.86 7.76 0.87
CA LEU A 123 -1.56 9.15 1.19
C LEU A 123 -2.68 9.81 1.97
N ALA A 124 -3.89 9.30 1.79
CA ALA A 124 -5.06 9.78 2.53
C ALA A 124 -4.90 9.47 4.01
N ALA A 125 -4.01 8.54 4.29
CA ALA A 125 -3.70 8.15 5.65
C ALA A 125 -2.39 8.77 6.08
N GLY A 126 -1.85 9.62 5.21
CA GLY A 126 -0.58 10.26 5.48
C GLY A 126 0.56 9.40 5.03
N GLY A 127 0.23 8.25 4.49
CA GLY A 127 1.22 7.26 4.10
C GLY A 127 2.10 7.73 2.97
N VAL A 128 3.27 7.14 2.89
CA VAL A 128 4.25 7.48 1.87
C VAL A 128 4.36 6.35 0.86
N VAL A 129 4.68 6.66 -0.39
CA VAL A 129 4.77 5.62 -1.41
C VAL A 129 6.14 5.61 -2.09
N GLY A 130 7.00 4.70 -1.68
CA GLY A 130 8.29 4.54 -2.32
C GLY A 130 8.33 3.32 -3.21
N LEU A 131 9.06 3.39 -4.32
CA LEU A 131 9.08 2.30 -5.28
C LEU A 131 10.01 1.17 -4.83
N ASP A 132 9.42 0.07 -4.39
CA ASP A 132 10.17 -1.10 -3.98
C ASP A 132 10.27 -2.10 -5.12
N SER A 133 9.21 -2.18 -5.90
CA SER A 133 9.13 -3.13 -6.99
C SER A 133 8.07 -2.68 -7.98
N GLU A 134 8.28 -2.89 -9.27
CA GLU A 134 7.21 -2.73 -10.22
C GLU A 134 6.78 -4.09 -10.74
N VAL A 135 5.46 -4.33 -10.70
CA VAL A 135 4.86 -5.66 -10.88
C VAL A 135 5.78 -6.80 -10.44
N LYS A 136 5.58 -7.22 -9.19
CA LYS A 136 6.32 -8.30 -8.51
C LYS A 136 7.78 -8.43 -8.92
N LEU A 137 8.64 -7.79 -8.15
CA LEU A 137 10.08 -8.04 -8.23
C LEU A 137 10.37 -9.37 -7.54
N ALA A 138 9.50 -9.72 -6.61
CA ALA A 138 9.59 -10.95 -5.85
C ALA A 138 9.59 -12.17 -6.77
N GLU A 58 0.33 -10.75 -9.77
CA GLU A 58 1.29 -9.69 -10.10
C GLU A 58 1.00 -8.45 -9.26
N MET A 59 2.04 -7.66 -8.93
CA MET A 59 1.84 -6.48 -8.07
C MET A 59 3.12 -5.69 -7.80
N THR A 60 2.99 -4.37 -7.86
CA THR A 60 4.08 -3.43 -7.61
C THR A 60 4.07 -2.96 -6.15
N ARG A 61 5.20 -3.12 -5.50
CA ARG A 61 5.32 -2.90 -4.07
C ARG A 61 5.78 -1.46 -3.78
N LEU A 62 4.95 -0.71 -3.05
CA LEU A 62 5.31 0.63 -2.58
C LEU A 62 5.53 0.62 -1.08
N MET A 63 6.71 1.02 -0.64
CA MET A 63 6.99 1.10 0.79
C MET A 63 6.34 2.33 1.42
N VAL A 64 5.51 2.07 2.42
CA VAL A 64 4.92 3.11 3.23
C VAL A 64 5.62 3.12 4.58
N THR A 65 5.71 4.27 5.22
CA THR A 65 6.26 4.31 6.57
C THR A 65 5.28 4.92 7.57
N GLU A 66 5.06 4.21 8.66
CA GLU A 66 4.17 4.66 9.71
C GLU A 66 4.96 5.27 10.86
N LYS A 67 4.77 6.57 11.08
CA LYS A 67 5.44 7.29 12.16
C LYS A 67 4.64 8.55 12.47
N GLN A 68 5.11 9.42 13.36
CA GLN A 68 4.33 10.60 13.75
C GLN A 68 3.79 11.35 12.52
N GLU A 69 4.48 11.19 11.40
CA GLU A 69 4.07 11.70 10.11
C GLU A 69 2.88 10.91 9.52
N SER A 70 3.09 9.61 9.30
CA SER A 70 2.11 8.79 8.57
C SER A 70 1.59 7.62 9.41
N LYS A 71 1.68 7.73 10.73
CA LYS A 71 1.28 6.66 11.63
C LYS A 71 -0.22 6.37 11.50
N ASN A 72 -0.95 7.34 10.95
CA ASN A 72 -2.36 7.14 10.61
C ASN A 72 -2.52 5.92 9.71
N PHE A 73 -1.54 5.72 8.83
CA PHE A 73 -1.63 4.69 7.82
C PHE A 73 -1.61 3.28 8.43
N SER A 74 -0.94 3.13 9.58
CA SER A 74 -0.77 1.82 10.20
C SER A 74 -2.11 1.10 10.35
N LYS A 75 -3.11 1.81 10.86
CA LYS A 75 -4.44 1.25 11.04
C LYS A 75 -5.30 1.43 9.79
N MET A 76 -4.84 2.29 8.88
CA MET A 76 -5.55 2.50 7.62
C MET A 76 -5.45 1.24 6.78
N ALA A 77 -4.21 0.79 6.61
CA ALA A 77 -3.94 -0.41 5.86
C ALA A 77 -4.58 -1.61 6.52
N LYS A 78 -4.54 -1.64 7.84
CA LYS A 78 -5.08 -2.73 8.61
C LYS A 78 -6.57 -2.55 8.90
N SER A 79 -7.20 -1.67 8.15
CA SER A 79 -8.64 -1.52 8.22
C SER A 79 -9.26 -2.47 7.20
N GLN A 80 -10.51 -2.86 7.42
CA GLN A 80 -11.19 -3.81 6.55
C GLN A 80 -11.22 -3.33 5.09
N SER A 81 -11.33 -2.01 4.92
CA SER A 81 -11.40 -1.42 3.60
C SER A 81 -10.08 -1.63 2.85
N PHE A 82 -8.97 -1.33 3.51
CA PHE A 82 -7.67 -1.45 2.88
C PHE A 82 -7.19 -2.90 2.92
N SER A 83 -7.73 -3.71 3.80
CA SER A 83 -7.39 -5.14 3.80
C SER A 83 -7.83 -5.80 2.49
N THR A 84 -8.86 -5.25 1.87
CA THR A 84 -9.39 -5.82 0.65
C THR A 84 -8.86 -5.12 -0.61
N ARG A 85 -8.73 -3.79 -0.54
CA ARG A 85 -8.67 -2.94 -1.74
C ARG A 85 -7.78 -3.51 -2.87
N ILE A 86 -6.52 -3.80 -2.57
CA ILE A 86 -5.60 -4.28 -3.59
C ILE A 86 -5.57 -5.80 -3.62
N GLU A 87 -5.66 -6.41 -2.44
CA GLU A 87 -5.64 -7.85 -2.29
C GLU A 87 -6.62 -8.56 -3.23
N GLU A 88 -7.80 -7.97 -3.39
CA GLU A 88 -8.81 -8.56 -4.26
C GLU A 88 -8.64 -8.07 -5.70
N LEU A 89 -7.74 -7.12 -5.89
CA LEU A 89 -7.40 -6.62 -7.22
C LEU A 89 -6.22 -7.40 -7.81
N GLY A 90 -5.41 -8.00 -6.95
CA GLY A 90 -4.27 -8.74 -7.43
C GLY A 90 -3.03 -8.51 -6.59
N GLY A 91 -3.02 -7.42 -5.83
CA GLY A 91 -1.89 -7.12 -4.99
C GLY A 91 -2.17 -7.45 -3.54
N SER A 92 -1.53 -6.74 -2.59
CA SER A 92 -1.74 -7.00 -1.17
C SER A 92 -0.88 -6.09 -0.28
N ILE A 93 -1.00 -6.29 1.03
CA ILE A 93 -0.24 -5.53 2.03
C ILE A 93 0.96 -6.34 2.53
N SER A 94 2.05 -5.66 2.84
CA SER A 94 3.19 -6.29 3.50
C SER A 94 3.68 -5.41 4.64
N PHE A 95 3.47 -5.85 5.86
CA PHE A 95 3.88 -5.09 7.01
C PHE A 95 5.26 -5.48 7.49
N LEU A 96 6.16 -4.52 7.42
CA LEU A 96 7.49 -4.66 7.97
C LEU A 96 7.54 -3.81 9.24
N THR A 97 6.88 -4.29 10.28
CA THR A 97 6.64 -3.51 11.49
C THR A 97 7.91 -3.26 12.29
N GLU A 98 9.03 -3.82 11.83
CA GLU A 98 10.33 -3.57 12.44
C GLU A 98 10.59 -2.06 12.55
N THR A 99 10.49 -1.39 11.41
CA THR A 99 10.73 0.05 11.35
C THR A 99 9.41 0.81 11.22
N GLY A 100 8.37 0.10 10.80
CA GLY A 100 7.11 0.75 10.55
C GLY A 100 6.90 0.97 9.06
N VAL A 101 7.28 -0.02 8.27
CA VAL A 101 7.10 0.07 6.82
C VAL A 101 5.97 -0.84 6.37
N THR A 102 5.00 -0.28 5.68
CA THR A 102 3.97 -1.08 5.03
C THR A 102 4.17 -1.08 3.52
N MET A 103 4.66 -2.19 2.99
CA MET A 103 4.88 -2.31 1.55
C MET A 103 3.59 -2.77 0.87
N ILE A 104 2.98 -1.90 0.06
CA ILE A 104 1.77 -2.27 -0.67
C ILE A 104 2.10 -2.73 -2.05
N GLU A 105 1.76 -3.97 -2.33
CA GLU A 105 1.92 -4.51 -3.65
C GLU A 105 0.65 -4.31 -4.46
N LEU A 106 0.74 -3.53 -5.52
CA LEU A 106 -0.38 -3.29 -6.41
C LEU A 106 0.08 -3.39 -7.86
N PRO A 107 -0.55 -4.25 -8.64
CA PRO A 107 -0.21 -4.44 -10.03
C PRO A 107 -0.74 -3.31 -10.90
N LYS A 108 0.02 -2.92 -11.89
CA LYS A 108 -0.43 -1.89 -12.79
C LYS A 108 -1.50 -2.43 -13.72
N THR A 109 -1.91 -3.67 -13.44
CA THR A 109 -3.03 -4.28 -14.11
C THR A 109 -4.34 -4.01 -13.36
N VAL A 110 -4.25 -3.38 -12.17
CA VAL A 110 -5.46 -2.92 -11.47
C VAL A 110 -6.11 -1.80 -12.26
N SER A 111 -7.37 -1.54 -11.97
CA SER A 111 -8.06 -0.40 -12.54
C SER A 111 -7.30 0.87 -12.16
N GLU A 112 -7.27 1.85 -13.05
CA GLU A 112 -6.63 3.13 -12.76
C GLU A 112 -7.20 3.72 -11.46
N HIS A 113 -8.50 3.49 -11.24
CA HIS A 113 -9.15 3.84 -9.99
C HIS A 113 -8.39 3.26 -8.81
N ASP A 114 -8.14 1.97 -8.88
CA ASP A 114 -7.53 1.23 -7.78
C ASP A 114 -6.05 1.56 -7.66
N MET A 115 -5.46 1.97 -8.76
CA MET A 115 -4.06 2.32 -8.76
C MET A 115 -3.84 3.73 -8.25
N ASP A 116 -4.73 4.62 -8.60
CA ASP A 116 -4.61 6.00 -8.19
C ASP A 116 -5.24 6.22 -6.82
N GLN A 117 -6.55 6.00 -6.75
CA GLN A 117 -7.31 6.28 -5.54
C GLN A 117 -6.80 5.47 -4.34
N LEU A 118 -6.51 4.20 -4.55
CA LEU A 118 -6.13 3.34 -3.44
C LEU A 118 -4.70 3.59 -2.98
N LEU A 119 -3.80 3.86 -3.92
CA LEU A 119 -2.45 4.24 -3.54
C LEU A 119 -2.45 5.66 -2.99
N HIS A 120 -3.53 6.37 -3.26
CA HIS A 120 -3.74 7.69 -2.71
C HIS A 120 -4.47 7.58 -1.37
N ASP A 121 -5.15 6.46 -1.16
CA ASP A 121 -5.80 6.18 0.12
C ASP A 121 -4.70 6.05 1.14
N ILE A 122 -3.58 5.57 0.63
CA ILE A 122 -2.35 5.52 1.37
C ILE A 122 -1.99 6.92 1.86
N LEU A 123 -1.96 7.85 0.93
CA LEU A 123 -1.65 9.23 1.23
C LEU A 123 -2.75 9.88 2.06
N ALA A 124 -3.98 9.39 1.90
CA ALA A 124 -5.12 9.86 2.67
C ALA A 124 -4.94 9.53 4.15
N ALA A 125 -3.97 8.66 4.41
CA ALA A 125 -3.65 8.25 5.75
C ALA A 125 -2.27 8.75 6.12
N GLY A 126 -1.73 9.63 5.29
CA GLY A 126 -0.41 10.15 5.52
C GLY A 126 0.65 9.24 4.95
N GLY A 127 0.24 8.02 4.64
CA GLY A 127 1.14 7.01 4.15
C GLY A 127 1.88 7.43 2.90
N VAL A 128 3.19 7.28 2.93
CA VAL A 128 4.02 7.63 1.79
C VAL A 128 4.19 6.42 0.89
N VAL A 129 4.49 6.66 -0.39
CA VAL A 129 4.62 5.56 -1.33
C VAL A 129 5.99 5.58 -2.00
N GLY A 130 6.59 4.41 -2.16
CA GLY A 130 7.90 4.31 -2.80
C GLY A 130 7.92 3.26 -3.89
N LEU A 131 9.10 3.01 -4.45
CA LEU A 131 9.26 2.01 -5.51
C LEU A 131 10.12 0.85 -5.01
N ASP A 132 9.46 -0.19 -4.55
CA ASP A 132 10.14 -1.37 -4.03
C ASP A 132 10.22 -2.45 -5.07
N SER A 133 9.08 -2.93 -5.51
CA SER A 133 9.04 -4.03 -6.44
C SER A 133 8.07 -3.75 -7.58
N GLU A 134 8.59 -3.44 -8.74
CA GLU A 134 7.75 -3.27 -9.93
C GLU A 134 7.21 -4.63 -10.35
N VAL A 135 5.91 -4.67 -10.72
CA VAL A 135 5.10 -5.91 -10.83
C VAL A 135 5.85 -7.17 -10.44
N LYS A 136 5.59 -7.62 -9.20
CA LYS A 136 6.25 -8.76 -8.57
C LYS A 136 7.74 -8.83 -8.88
N LEU A 137 8.46 -7.91 -8.29
CA LEU A 137 9.91 -7.87 -8.39
C LEU A 137 10.54 -8.45 -7.13
N ALA A 138 9.85 -8.30 -6.00
CA ALA A 138 10.36 -8.72 -4.71
C ALA A 138 9.21 -8.82 -3.73
N GLU A 58 0.47 -10.58 -9.98
CA GLU A 58 1.38 -9.46 -10.30
C GLU A 58 1.04 -8.26 -9.43
N MET A 59 2.04 -7.42 -9.11
CA MET A 59 1.80 -6.27 -8.22
C MET A 59 3.03 -5.38 -7.97
N THR A 60 2.81 -4.07 -8.09
CA THR A 60 3.82 -3.04 -7.85
C THR A 60 3.91 -2.69 -6.37
N ARG A 61 5.11 -2.75 -5.83
CA ARG A 61 5.31 -2.65 -4.41
C ARG A 61 5.76 -1.24 -4.00
N LEU A 62 4.93 -0.56 -3.20
CA LEU A 62 5.29 0.74 -2.65
C LEU A 62 5.51 0.63 -1.16
N MET A 63 6.63 1.14 -0.69
CA MET A 63 6.92 1.15 0.73
C MET A 63 6.26 2.33 1.40
N VAL A 64 5.65 2.05 2.53
CA VAL A 64 5.04 3.07 3.36
C VAL A 64 5.73 3.06 4.72
N THR A 65 5.78 4.19 5.41
CA THR A 65 6.36 4.21 6.74
C THR A 65 5.43 4.86 7.74
N GLU A 66 5.22 4.18 8.85
CA GLU A 66 4.33 4.67 9.89
C GLU A 66 5.14 5.34 11.00
N LYS A 67 4.99 6.65 11.11
CA LYS A 67 5.65 7.43 12.15
C LYS A 67 4.75 8.62 12.49
N GLN A 68 5.21 9.57 13.30
CA GLN A 68 4.36 10.71 13.67
C GLN A 68 3.74 11.36 12.43
N GLU A 69 4.40 11.20 11.30
CA GLU A 69 3.89 11.64 10.01
C GLU A 69 2.73 10.77 9.54
N SER A 70 2.99 9.48 9.36
CA SER A 70 2.03 8.60 8.68
C SER A 70 1.53 7.47 9.59
N LYS A 71 1.66 7.63 10.90
CA LYS A 71 1.14 6.63 11.83
C LYS A 71 -0.35 6.42 11.62
N ASN A 72 -1.02 7.44 11.08
CA ASN A 72 -2.43 7.34 10.72
C ASN A 72 -2.66 6.17 9.77
N PHE A 73 -1.67 5.88 8.96
CA PHE A 73 -1.75 4.83 7.95
C PHE A 73 -1.69 3.44 8.55
N SER A 74 -1.02 3.32 9.70
CA SER A 74 -0.75 2.01 10.30
C SER A 74 -2.02 1.16 10.37
N LYS A 75 -3.07 1.72 10.93
CA LYS A 75 -4.33 1.00 11.07
C LYS A 75 -5.21 1.15 9.84
N MET A 76 -4.88 2.09 8.96
CA MET A 76 -5.61 2.23 7.71
C MET A 76 -5.41 0.98 6.88
N ALA A 77 -4.15 0.60 6.73
CA ALA A 77 -3.80 -0.58 5.97
C ALA A 77 -4.35 -1.84 6.64
N LYS A 78 -4.58 -1.74 7.94
CA LYS A 78 -5.09 -2.86 8.71
C LYS A 78 -6.60 -2.73 8.90
N SER A 79 -7.18 -1.76 8.22
CA SER A 79 -8.61 -1.50 8.31
C SER A 79 -9.35 -2.37 7.29
N GLN A 80 -10.64 -2.55 7.50
CA GLN A 80 -11.45 -3.42 6.65
C GLN A 80 -11.45 -2.95 5.19
N SER A 81 -11.29 -1.65 4.99
CA SER A 81 -11.27 -1.09 3.65
C SER A 81 -9.97 -1.41 2.94
N PHE A 82 -8.84 -1.05 3.55
CA PHE A 82 -7.56 -1.18 2.87
C PHE A 82 -7.02 -2.61 2.94
N SER A 83 -7.49 -3.42 3.87
CA SER A 83 -7.05 -4.80 3.91
C SER A 83 -7.42 -5.53 2.62
N THR A 84 -8.56 -5.18 2.05
CA THR A 84 -9.10 -5.88 0.90
C THR A 84 -8.75 -5.22 -0.44
N ARG A 85 -8.74 -3.88 -0.46
CA ARG A 85 -8.80 -3.11 -1.71
C ARG A 85 -7.89 -3.66 -2.84
N ILE A 86 -6.61 -3.88 -2.54
CA ILE A 86 -5.68 -4.33 -3.56
C ILE A 86 -5.59 -5.86 -3.58
N GLU A 87 -5.67 -6.47 -2.40
CA GLU A 87 -5.60 -7.92 -2.27
C GLU A 87 -6.60 -8.63 -3.18
N GLU A 88 -7.75 -8.03 -3.43
CA GLU A 88 -8.73 -8.63 -4.33
C GLU A 88 -8.45 -8.24 -5.76
N LEU A 89 -7.68 -7.17 -5.94
CA LEU A 89 -7.33 -6.69 -7.28
C LEU A 89 -6.11 -7.43 -7.82
N GLY A 90 -5.34 -8.03 -6.94
CA GLY A 90 -4.18 -8.78 -7.37
C GLY A 90 -2.96 -8.55 -6.51
N GLY A 91 -2.89 -7.38 -5.90
CA GLY A 91 -1.75 -7.06 -5.03
C GLY A 91 -2.04 -7.40 -3.58
N SER A 92 -1.41 -6.69 -2.63
CA SER A 92 -1.65 -6.93 -1.20
C SER A 92 -0.84 -6.02 -0.30
N ILE A 93 -1.00 -6.21 1.01
CA ILE A 93 -0.28 -5.44 2.02
C ILE A 93 0.83 -6.29 2.64
N SER A 94 2.02 -5.72 2.79
CA SER A 94 3.10 -6.37 3.51
C SER A 94 3.60 -5.49 4.63
N PHE A 95 3.32 -5.88 5.86
CA PHE A 95 3.76 -5.11 7.02
C PHE A 95 5.12 -5.54 7.49
N LEU A 96 6.01 -4.57 7.60
CA LEU A 96 7.32 -4.78 8.15
C LEU A 96 7.39 -4.01 9.48
N THR A 97 6.70 -4.55 10.48
CA THR A 97 6.45 -3.86 11.73
C THR A 97 7.74 -3.65 12.55
N GLU A 98 8.83 -4.27 12.11
CA GLU A 98 10.13 -4.13 12.76
C GLU A 98 10.54 -2.66 12.87
N THR A 99 10.21 -1.89 11.84
CA THR A 99 10.58 -0.50 11.79
C THR A 99 9.36 0.39 11.57
N GLY A 100 8.32 -0.16 10.97
CA GLY A 100 7.15 0.62 10.68
C GLY A 100 6.99 0.86 9.19
N VAL A 101 7.26 -0.16 8.39
CA VAL A 101 7.09 -0.06 6.95
C VAL A 101 5.92 -0.92 6.50
N THR A 102 5.08 -0.37 5.67
CA THR A 102 4.01 -1.13 5.04
C THR A 102 4.20 -1.14 3.53
N MET A 103 4.63 -2.27 2.98
CA MET A 103 4.82 -2.38 1.54
C MET A 103 3.53 -2.80 0.86
N ILE A 104 2.96 -1.89 0.06
CA ILE A 104 1.76 -2.20 -0.69
C ILE A 104 2.11 -2.61 -2.09
N GLU A 105 1.73 -3.81 -2.44
CA GLU A 105 1.91 -4.30 -3.78
C GLU A 105 0.60 -4.15 -4.55
N LEU A 106 0.65 -3.44 -5.66
CA LEU A 106 -0.53 -3.23 -6.51
C LEU A 106 -0.14 -3.31 -7.97
N PRO A 107 -0.77 -4.21 -8.72
CA PRO A 107 -0.48 -4.38 -10.13
C PRO A 107 -1.08 -3.29 -10.99
N LYS A 108 -0.40 -2.94 -12.05
CA LYS A 108 -0.90 -1.94 -12.96
C LYS A 108 -2.00 -2.53 -13.85
N THR A 109 -2.34 -3.77 -13.54
CA THR A 109 -3.46 -4.45 -14.18
C THR A 109 -4.76 -4.13 -13.45
N VAL A 110 -4.66 -3.53 -12.25
CA VAL A 110 -5.84 -3.06 -11.53
C VAL A 110 -6.53 -1.98 -12.33
N SER A 111 -7.79 -1.72 -12.02
CA SER A 111 -8.47 -0.57 -12.56
C SER A 111 -7.67 0.68 -12.20
N GLU A 112 -7.50 1.59 -13.15
CA GLU A 112 -6.72 2.81 -12.94
C GLU A 112 -7.17 3.53 -11.67
N HIS A 113 -8.44 3.44 -11.38
CA HIS A 113 -9.01 3.99 -10.14
C HIS A 113 -8.37 3.32 -8.92
N ASP A 114 -8.31 2.01 -8.96
CA ASP A 114 -7.72 1.22 -7.88
C ASP A 114 -6.24 1.48 -7.78
N MET A 115 -5.62 1.79 -8.90
CA MET A 115 -4.21 2.07 -8.93
C MET A 115 -3.93 3.44 -8.34
N ASP A 116 -4.62 4.45 -8.83
CA ASP A 116 -4.35 5.82 -8.42
C ASP A 116 -4.97 6.11 -7.06
N GLN A 117 -6.27 5.87 -6.94
CA GLN A 117 -7.01 6.26 -5.74
C GLN A 117 -6.67 5.41 -4.53
N LEU A 118 -6.35 4.13 -4.73
CA LEU A 118 -6.04 3.27 -3.60
C LEU A 118 -4.62 3.49 -3.10
N LEU A 119 -3.69 3.70 -4.01
CA LEU A 119 -2.34 4.08 -3.61
C LEU A 119 -2.34 5.50 -3.10
N HIS A 120 -3.44 6.20 -3.38
CA HIS A 120 -3.66 7.54 -2.86
C HIS A 120 -4.36 7.46 -1.51
N ASP A 121 -5.10 6.38 -1.30
CA ASP A 121 -5.76 6.14 -0.02
C ASP A 121 -4.69 5.99 1.04
N ILE A 122 -3.55 5.49 0.55
CA ILE A 122 -2.33 5.45 1.30
C ILE A 122 -1.98 6.84 1.80
N LEU A 123 -1.88 7.77 0.86
CA LEU A 123 -1.55 9.16 1.16
C LEU A 123 -2.65 9.84 1.95
N ALA A 124 -3.88 9.40 1.74
CA ALA A 124 -5.02 9.91 2.47
C ALA A 124 -4.89 9.60 3.96
N ALA A 125 -4.07 8.61 4.25
CA ALA A 125 -3.81 8.20 5.61
C ALA A 125 -2.47 8.77 6.05
N GLY A 126 -1.90 9.62 5.22
CA GLY A 126 -0.62 10.21 5.49
C GLY A 126 0.51 9.32 5.03
N GLY A 127 0.12 8.17 4.50
CA GLY A 127 1.06 7.15 4.12
C GLY A 127 2.00 7.58 3.03
N VAL A 128 3.23 7.13 3.13
CA VAL A 128 4.27 7.45 2.16
C VAL A 128 4.31 6.38 1.08
N VAL A 129 4.70 6.76 -0.12
CA VAL A 129 4.82 5.79 -1.21
C VAL A 129 6.23 5.81 -1.81
N GLY A 130 6.84 4.64 -1.89
CA GLY A 130 8.15 4.52 -2.49
C GLY A 130 8.27 3.27 -3.34
N LEU A 131 9.01 3.37 -4.43
CA LEU A 131 9.12 2.27 -5.39
C LEU A 131 10.01 1.14 -4.86
N ASP A 132 9.39 0.19 -4.17
CA ASP A 132 10.09 -1.04 -3.78
C ASP A 132 10.29 -1.91 -4.99
N SER A 133 9.20 -2.06 -5.72
CA SER A 133 9.17 -2.90 -6.89
C SER A 133 8.05 -2.42 -7.80
N GLU A 134 8.19 -2.63 -9.09
CA GLU A 134 7.04 -2.51 -9.97
C GLU A 134 6.39 -3.89 -10.03
N VAL A 135 5.41 -4.08 -10.92
CA VAL A 135 4.68 -5.37 -11.03
C VAL A 135 5.58 -6.56 -10.72
N LYS A 136 5.42 -7.09 -9.49
CA LYS A 136 6.25 -8.14 -8.90
C LYS A 136 7.71 -8.08 -9.32
N LEU A 137 8.35 -7.01 -8.88
CA LEU A 137 9.78 -6.84 -8.97
C LEU A 137 10.39 -7.06 -7.59
N ALA A 138 9.70 -7.87 -6.80
CA ALA A 138 10.08 -8.13 -5.42
C ALA A 138 11.39 -8.93 -5.34
N GLU A 58 1.41 -10.84 -9.25
CA GLU A 58 1.33 -9.66 -10.14
C GLU A 58 1.03 -8.40 -9.33
N MET A 59 2.06 -7.59 -9.03
CA MET A 59 1.86 -6.42 -8.15
C MET A 59 3.13 -5.57 -7.89
N THR A 60 2.98 -4.25 -7.99
CA THR A 60 4.06 -3.30 -7.70
C THR A 60 4.15 -3.00 -6.20
N ARG A 61 5.33 -3.14 -5.65
CA ARG A 61 5.55 -2.96 -4.22
C ARG A 61 5.92 -1.50 -3.90
N LEU A 62 5.10 -0.86 -3.06
CA LEU A 62 5.35 0.49 -2.59
C LEU A 62 5.52 0.50 -1.09
N MET A 63 6.70 0.89 -0.63
CA MET A 63 6.98 0.98 0.79
C MET A 63 6.28 2.19 1.39
N VAL A 64 5.59 1.96 2.49
CA VAL A 64 4.93 3.01 3.23
C VAL A 64 5.50 3.07 4.64
N THR A 65 6.08 4.18 5.03
CA THR A 65 6.62 4.28 6.38
C THR A 65 5.67 4.99 7.32
N GLU A 66 5.40 4.35 8.45
CA GLU A 66 4.57 4.94 9.49
C GLU A 66 5.45 5.55 10.58
N LYS A 67 5.17 6.80 10.91
CA LYS A 67 5.85 7.51 11.99
C LYS A 67 5.03 8.73 12.38
N GLN A 68 5.61 9.70 13.10
CA GLN A 68 4.85 10.87 13.53
C GLN A 68 4.13 11.52 12.36
N GLU A 69 4.73 11.40 11.18
CA GLU A 69 4.12 11.84 9.93
C GLU A 69 2.86 11.03 9.61
N SER A 70 3.04 9.73 9.47
CA SER A 70 2.05 8.89 8.82
C SER A 70 1.64 7.68 9.64
N LYS A 71 1.80 7.72 10.95
CA LYS A 71 1.35 6.62 11.80
C LYS A 71 -0.16 6.42 11.68
N ASN A 72 -0.85 7.44 11.19
CA ASN A 72 -2.27 7.35 10.91
C ASN A 72 -2.55 6.24 9.90
N PHE A 73 -1.55 5.93 9.09
CA PHE A 73 -1.68 4.94 8.05
C PHE A 73 -1.69 3.51 8.61
N SER A 74 -1.02 3.30 9.74
CA SER A 74 -0.84 1.97 10.30
C SER A 74 -2.16 1.18 10.37
N LYS A 75 -3.20 1.83 10.88
CA LYS A 75 -4.50 1.18 10.99
C LYS A 75 -5.34 1.35 9.73
N MET A 76 -4.95 2.29 8.87
CA MET A 76 -5.67 2.50 7.61
C MET A 76 -5.52 1.28 6.74
N ALA A 77 -4.28 0.85 6.58
CA ALA A 77 -3.94 -0.30 5.77
C ALA A 77 -4.61 -1.56 6.29
N LYS A 78 -4.64 -1.70 7.62
CA LYS A 78 -5.19 -2.88 8.25
C LYS A 78 -6.70 -2.77 8.44
N SER A 79 -7.28 -1.68 7.98
CA SER A 79 -8.72 -1.47 8.10
C SER A 79 -9.46 -2.39 7.13
N GLN A 80 -10.76 -2.57 7.36
CA GLN A 80 -11.57 -3.47 6.54
C GLN A 80 -11.48 -3.12 5.05
N SER A 81 -11.41 -1.83 4.77
CA SER A 81 -11.38 -1.34 3.40
C SER A 81 -10.04 -1.63 2.74
N PHE A 82 -8.95 -1.29 3.41
CA PHE A 82 -7.64 -1.40 2.81
C PHE A 82 -7.08 -2.81 2.92
N SER A 83 -7.60 -3.61 3.84
CA SER A 83 -7.15 -4.98 3.94
C SER A 83 -7.43 -5.72 2.63
N THR A 84 -8.55 -5.39 2.00
CA THR A 84 -9.01 -6.08 0.81
C THR A 84 -8.61 -5.37 -0.50
N ARG A 85 -8.66 -4.04 -0.50
CA ARG A 85 -8.70 -3.23 -1.72
C ARG A 85 -7.81 -3.75 -2.87
N ILE A 86 -6.52 -3.99 -2.60
CA ILE A 86 -5.60 -4.40 -3.64
C ILE A 86 -5.53 -5.92 -3.74
N GLU A 87 -5.64 -6.59 -2.60
CA GLU A 87 -5.61 -8.05 -2.54
C GLU A 87 -6.57 -8.67 -3.55
N GLU A 88 -7.74 -8.06 -3.70
CA GLU A 88 -8.75 -8.54 -4.61
C GLU A 88 -8.41 -8.20 -6.04
N LEU A 89 -7.53 -7.23 -6.20
CA LEU A 89 -7.14 -6.74 -7.51
C LEU A 89 -5.92 -7.48 -8.04
N GLY A 90 -5.17 -8.10 -7.13
CA GLY A 90 -4.01 -8.85 -7.54
C GLY A 90 -2.82 -8.61 -6.63
N GLY A 91 -2.83 -7.50 -5.91
CA GLY A 91 -1.74 -7.18 -5.02
C GLY A 91 -2.04 -7.54 -3.58
N SER A 92 -1.43 -6.83 -2.61
CA SER A 92 -1.68 -7.08 -1.19
C SER A 92 -0.86 -6.16 -0.28
N ILE A 93 -1.02 -6.37 1.02
CA ILE A 93 -0.30 -5.59 2.04
C ILE A 93 0.86 -6.42 2.62
N SER A 94 1.98 -5.77 2.89
CA SER A 94 3.07 -6.40 3.64
C SER A 94 3.52 -5.48 4.78
N PHE A 95 3.19 -5.85 6.00
CA PHE A 95 3.58 -5.05 7.15
C PHE A 95 4.94 -5.46 7.66
N LEU A 96 5.89 -4.58 7.47
CA LEU A 96 7.22 -4.75 7.99
C LEU A 96 7.36 -3.82 9.19
N THR A 97 6.67 -4.19 10.27
CA THR A 97 6.47 -3.31 11.43
C THR A 97 7.76 -3.04 12.20
N GLU A 98 8.83 -3.77 11.86
CA GLU A 98 10.13 -3.55 12.47
C GLU A 98 10.58 -2.11 12.30
N THR A 99 10.27 -1.53 11.16
CA THR A 99 10.66 -0.17 10.85
C THR A 99 9.42 0.68 10.56
N GLY A 100 8.25 0.09 10.78
CA GLY A 100 7.00 0.77 10.47
C GLY A 100 6.81 0.93 8.98
N VAL A 101 7.18 -0.07 8.21
CA VAL A 101 7.02 0.00 6.77
C VAL A 101 5.92 -0.95 6.29
N THR A 102 4.86 -0.39 5.77
CA THR A 102 3.83 -1.17 5.13
C THR A 102 4.05 -1.18 3.63
N MET A 103 4.53 -2.29 3.10
CA MET A 103 4.73 -2.43 1.67
C MET A 103 3.42 -2.82 1.00
N ILE A 104 2.90 -1.96 0.15
CA ILE A 104 1.72 -2.30 -0.62
C ILE A 104 2.10 -2.75 -2.01
N GLU A 105 1.68 -3.93 -2.38
CA GLU A 105 1.91 -4.41 -3.71
C GLU A 105 0.65 -4.28 -4.53
N LEU A 106 0.71 -3.47 -5.59
CA LEU A 106 -0.41 -3.25 -6.50
C LEU A 106 0.06 -3.32 -7.94
N PRO A 107 -0.57 -4.16 -8.75
CA PRO A 107 -0.24 -4.30 -10.16
C PRO A 107 -0.84 -3.20 -11.00
N LYS A 108 -0.19 -2.87 -12.09
CA LYS A 108 -0.70 -1.85 -12.99
C LYS A 108 -1.89 -2.39 -13.77
N THR A 109 -2.20 -3.65 -13.51
CA THR A 109 -3.34 -4.30 -14.12
C THR A 109 -4.62 -4.03 -13.33
N VAL A 110 -4.49 -3.33 -12.20
CA VAL A 110 -5.66 -2.86 -11.48
C VAL A 110 -6.34 -1.75 -12.27
N SER A 111 -7.60 -1.49 -11.96
CA SER A 111 -8.28 -0.33 -12.48
C SER A 111 -7.49 0.92 -12.10
N GLU A 112 -7.44 1.93 -12.96
CA GLU A 112 -6.69 3.14 -12.65
C GLU A 112 -7.20 3.75 -11.34
N HIS A 113 -8.49 3.56 -11.08
CA HIS A 113 -9.08 3.95 -9.82
C HIS A 113 -8.37 3.28 -8.65
N ASP A 114 -8.17 1.98 -8.78
CA ASP A 114 -7.55 1.19 -7.72
C ASP A 114 -6.06 1.52 -7.63
N MET A 115 -5.48 1.91 -8.74
CA MET A 115 -4.07 2.26 -8.78
C MET A 115 -3.84 3.67 -8.23
N ASP A 116 -4.75 4.56 -8.55
CA ASP A 116 -4.63 5.93 -8.08
C ASP A 116 -5.24 6.08 -6.70
N GLN A 117 -6.56 5.95 -6.65
CA GLN A 117 -7.33 6.24 -5.44
C GLN A 117 -6.90 5.40 -4.24
N LEU A 118 -6.48 4.15 -4.48
CA LEU A 118 -6.11 3.27 -3.38
C LEU A 118 -4.67 3.52 -2.92
N LEU A 119 -3.76 3.74 -3.86
CA LEU A 119 -2.39 4.10 -3.49
C LEU A 119 -2.37 5.52 -2.95
N HIS A 120 -3.43 6.24 -3.26
CA HIS A 120 -3.63 7.58 -2.74
C HIS A 120 -4.38 7.51 -1.42
N ASP A 121 -5.10 6.41 -1.20
CA ASP A 121 -5.76 6.16 0.09
C ASP A 121 -4.68 6.02 1.12
N ILE A 122 -3.55 5.52 0.64
CA ILE A 122 -2.33 5.47 1.38
C ILE A 122 -1.95 6.86 1.88
N LEU A 123 -1.88 7.80 0.94
CA LEU A 123 -1.55 9.18 1.24
C LEU A 123 -2.66 9.85 2.04
N ALA A 124 -3.90 9.41 1.81
CA ALA A 124 -5.04 9.92 2.55
C ALA A 124 -4.89 9.62 4.04
N ALA A 125 -4.07 8.61 4.32
CA ALA A 125 -3.82 8.18 5.67
C ALA A 125 -2.56 8.84 6.19
N GLY A 126 -1.94 9.62 5.33
CA GLY A 126 -0.69 10.24 5.64
C GLY A 126 0.45 9.41 5.14
N GLY A 127 0.12 8.18 4.73
CA GLY A 127 1.11 7.24 4.27
C GLY A 127 1.87 7.74 3.07
N VAL A 128 3.10 7.30 2.94
CA VAL A 128 3.95 7.70 1.84
C VAL A 128 4.23 6.50 0.95
N VAL A 129 4.46 6.73 -0.33
CA VAL A 129 4.67 5.64 -1.27
C VAL A 129 6.05 5.71 -1.91
N GLY A 130 6.83 4.65 -1.72
CA GLY A 130 8.13 4.53 -2.36
C GLY A 130 8.19 3.31 -3.25
N LEU A 131 9.06 3.33 -4.24
CA LEU A 131 9.11 2.23 -5.22
C LEU A 131 10.04 1.11 -4.77
N ASP A 132 9.45 -0.05 -4.48
CA ASP A 132 10.20 -1.26 -4.17
C ASP A 132 10.34 -2.13 -5.40
N SER A 133 9.21 -2.67 -5.82
CA SER A 133 9.19 -3.72 -6.80
C SER A 133 8.06 -3.52 -7.81
N GLU A 134 8.34 -2.86 -8.92
CA GLU A 134 7.30 -2.60 -9.91
C GLU A 134 6.91 -3.89 -10.62
N VAL A 135 5.59 -4.15 -10.62
CA VAL A 135 4.99 -5.45 -10.93
C VAL A 135 5.92 -6.62 -10.58
N LYS A 136 5.64 -7.17 -9.40
CA LYS A 136 6.34 -8.30 -8.79
C LYS A 136 7.85 -8.34 -9.06
N LEU A 137 8.56 -7.66 -8.19
CA LEU A 137 10.00 -7.76 -8.10
C LEU A 137 10.35 -8.16 -6.66
N ALA A 138 9.53 -9.04 -6.12
CA ALA A 138 9.69 -9.53 -4.77
C ALA A 138 9.22 -10.97 -4.67
N GLU A 58 0.47 -10.73 -9.42
CA GLU A 58 1.37 -9.66 -9.90
C GLU A 58 1.06 -8.37 -9.16
N MET A 59 2.08 -7.56 -8.84
CA MET A 59 1.86 -6.38 -8.00
C MET A 59 3.11 -5.51 -7.79
N THR A 60 2.91 -4.20 -7.92
CA THR A 60 3.94 -3.19 -7.65
C THR A 60 3.99 -2.82 -6.18
N ARG A 61 5.16 -2.94 -5.60
CA ARG A 61 5.30 -2.72 -4.18
C ARG A 61 5.76 -1.29 -3.87
N LEU A 62 4.95 -0.58 -3.10
CA LEU A 62 5.31 0.76 -2.61
C LEU A 62 5.57 0.68 -1.11
N MET A 63 6.78 0.99 -0.70
CA MET A 63 7.12 0.99 0.71
C MET A 63 6.57 2.24 1.40
N VAL A 64 5.70 2.01 2.34
CA VAL A 64 5.15 3.06 3.17
C VAL A 64 5.84 3.04 4.53
N THR A 65 5.99 4.18 5.17
CA THR A 65 6.59 4.20 6.49
C THR A 65 5.73 4.95 7.50
N GLU A 66 5.45 4.29 8.61
CA GLU A 66 4.55 4.81 9.61
C GLU A 66 5.30 5.34 10.82
N LYS A 67 5.22 6.65 11.00
CA LYS A 67 5.84 7.33 12.14
C LYS A 67 5.14 8.67 12.34
N GLN A 68 5.78 9.62 13.03
CA GLN A 68 5.13 10.92 13.31
C GLN A 68 4.57 11.57 12.05
N GLU A 69 5.08 11.15 10.90
CA GLU A 69 4.58 11.61 9.61
C GLU A 69 3.28 10.87 9.23
N SER A 70 3.38 9.54 9.12
CA SER A 70 2.32 8.76 8.51
C SER A 70 1.83 7.63 9.40
N LYS A 71 2.03 7.76 10.71
CA LYS A 71 1.64 6.72 11.64
C LYS A 71 0.12 6.50 11.62
N ASN A 72 -0.59 7.48 11.08
CA ASN A 72 -2.04 7.37 10.87
C ASN A 72 -2.36 6.24 9.90
N PHE A 73 -1.42 5.98 8.99
CA PHE A 73 -1.62 5.00 7.95
C PHE A 73 -1.59 3.57 8.49
N SER A 74 -0.88 3.39 9.61
CA SER A 74 -0.68 2.06 10.17
C SER A 74 -1.97 1.25 10.22
N LYS A 75 -2.98 1.82 10.87
CA LYS A 75 -4.24 1.11 11.06
C LYS A 75 -5.18 1.33 9.88
N MET A 76 -4.86 2.28 9.01
CA MET A 76 -5.64 2.48 7.80
C MET A 76 -5.53 1.26 6.93
N ALA A 77 -4.30 0.82 6.74
CA ALA A 77 -4.02 -0.35 5.94
C ALA A 77 -4.54 -1.62 6.61
N LYS A 78 -4.65 -1.55 7.94
CA LYS A 78 -5.13 -2.68 8.73
C LYS A 78 -6.65 -2.78 8.68
N SER A 79 -7.28 -1.74 8.17
CA SER A 79 -8.74 -1.70 8.12
C SER A 79 -9.23 -2.62 7.02
N GLN A 80 -10.37 -3.27 7.23
CA GLN A 80 -10.89 -4.27 6.30
C GLN A 80 -10.99 -3.70 4.88
N SER A 81 -11.33 -2.42 4.77
CA SER A 81 -11.38 -1.75 3.48
C SER A 81 -10.04 -1.83 2.77
N PHE A 82 -8.99 -1.38 3.45
CA PHE A 82 -7.68 -1.37 2.84
C PHE A 82 -7.03 -2.75 2.89
N SER A 83 -7.48 -3.61 3.78
CA SER A 83 -6.98 -4.97 3.80
C SER A 83 -7.36 -5.68 2.50
N THR A 84 -8.51 -5.31 1.95
CA THR A 84 -9.07 -6.00 0.82
C THR A 84 -8.71 -5.33 -0.52
N ARG A 85 -8.74 -4.00 -0.54
CA ARG A 85 -8.81 -3.20 -1.78
C ARG A 85 -7.90 -3.74 -2.90
N ILE A 86 -6.62 -3.94 -2.63
CA ILE A 86 -5.68 -4.37 -3.65
C ILE A 86 -5.58 -5.88 -3.70
N GLU A 87 -5.74 -6.53 -2.55
CA GLU A 87 -5.64 -7.98 -2.43
C GLU A 87 -6.63 -8.69 -3.35
N GLU A 88 -7.74 -8.05 -3.67
CA GLU A 88 -8.71 -8.64 -4.59
C GLU A 88 -8.35 -8.28 -6.03
N LEU A 89 -7.49 -7.29 -6.19
CA LEU A 89 -7.08 -6.87 -7.51
C LEU A 89 -5.85 -7.64 -7.97
N GLY A 90 -5.09 -8.15 -7.02
CA GLY A 90 -3.93 -8.94 -7.36
C GLY A 90 -2.73 -8.63 -6.49
N GLY A 91 -2.80 -7.53 -5.75
CA GLY A 91 -1.71 -7.15 -4.87
C GLY A 91 -2.03 -7.44 -3.42
N SER A 92 -1.46 -6.66 -2.48
CA SER A 92 -1.75 -6.83 -1.06
C SER A 92 -0.96 -5.88 -0.18
N ILE A 93 -1.16 -6.00 1.13
CA ILE A 93 -0.37 -5.27 2.10
C ILE A 93 0.71 -6.19 2.68
N SER A 94 1.90 -5.66 2.87
CA SER A 94 2.93 -6.36 3.61
C SER A 94 3.39 -5.48 4.77
N PHE A 95 3.03 -5.85 5.98
CA PHE A 95 3.41 -5.07 7.15
C PHE A 95 4.75 -5.50 7.68
N LEU A 96 5.74 -4.65 7.49
CA LEU A 96 7.05 -4.86 8.07
C LEU A 96 7.11 -4.06 9.37
N THR A 97 6.53 -4.60 10.42
CA THR A 97 6.38 -3.90 11.68
C THR A 97 7.74 -3.69 12.35
N GLU A 98 8.76 -4.30 11.77
CA GLU A 98 10.14 -4.14 12.22
C GLU A 98 10.50 -2.67 12.42
N THR A 99 10.23 -1.85 11.42
CA THR A 99 10.58 -0.43 11.48
C THR A 99 9.34 0.46 11.39
N GLY A 100 8.25 -0.12 10.88
CA GLY A 100 7.09 0.69 10.58
C GLY A 100 6.94 0.87 9.09
N VAL A 101 7.22 -0.19 8.33
CA VAL A 101 7.11 -0.14 6.90
C VAL A 101 5.93 -0.95 6.42
N THR A 102 4.99 -0.32 5.77
CA THR A 102 3.90 -1.02 5.15
C THR A 102 4.09 -1.06 3.63
N MET A 103 4.47 -2.20 3.11
CA MET A 103 4.69 -2.34 1.68
C MET A 103 3.41 -2.75 0.98
N ILE A 104 2.87 -1.84 0.17
CA ILE A 104 1.68 -2.15 -0.60
C ILE A 104 2.04 -2.59 -1.99
N GLU A 105 1.66 -3.80 -2.33
CA GLU A 105 1.87 -4.33 -3.65
C GLU A 105 0.58 -4.20 -4.46
N LEU A 106 0.66 -3.50 -5.58
CA LEU A 106 -0.49 -3.29 -6.46
C LEU A 106 -0.07 -3.41 -7.91
N PRO A 107 -0.74 -4.25 -8.69
CA PRO A 107 -0.42 -4.46 -10.08
C PRO A 107 -0.98 -3.38 -10.99
N LYS A 108 -0.35 -3.19 -12.12
CA LYS A 108 -0.82 -2.21 -13.08
C LYS A 108 -1.99 -2.77 -13.87
N THR A 109 -2.36 -3.98 -13.50
CA THR A 109 -3.50 -4.65 -14.07
C THR A 109 -4.77 -4.23 -13.35
N VAL A 110 -4.62 -3.50 -12.24
CA VAL A 110 -5.76 -2.91 -11.55
C VAL A 110 -6.33 -1.79 -12.41
N SER A 111 -7.56 -1.42 -12.13
CA SER A 111 -8.15 -0.25 -12.76
C SER A 111 -7.40 0.99 -12.29
N GLU A 112 -7.33 2.01 -13.14
CA GLU A 112 -6.64 3.25 -12.78
C GLU A 112 -7.19 3.80 -11.47
N HIS A 113 -8.50 3.60 -11.27
CA HIS A 113 -9.15 3.91 -10.00
C HIS A 113 -8.41 3.25 -8.85
N ASP A 114 -8.27 1.94 -8.93
CA ASP A 114 -7.66 1.16 -7.86
C ASP A 114 -6.19 1.47 -7.74
N MET A 115 -5.56 1.81 -8.83
CA MET A 115 -4.16 2.16 -8.82
C MET A 115 -3.96 3.52 -8.18
N ASP A 116 -4.50 4.55 -8.80
CA ASP A 116 -4.27 5.91 -8.34
C ASP A 116 -4.95 6.17 -7.01
N GLN A 117 -6.25 5.91 -6.96
CA GLN A 117 -7.06 6.29 -5.81
C GLN A 117 -6.77 5.43 -4.57
N LEU A 118 -6.41 4.15 -4.76
CA LEU A 118 -6.13 3.29 -3.61
C LEU A 118 -4.71 3.50 -3.09
N LEU A 119 -3.76 3.71 -3.99
CA LEU A 119 -2.42 4.07 -3.56
C LEU A 119 -2.42 5.49 -3.02
N HIS A 120 -3.48 6.22 -3.33
CA HIS A 120 -3.69 7.54 -2.77
C HIS A 120 -4.45 7.44 -1.45
N ASP A 121 -5.17 6.34 -1.28
CA ASP A 121 -5.84 6.07 0.01
C ASP A 121 -4.78 5.95 1.05
N ILE A 122 -3.64 5.46 0.59
CA ILE A 122 -2.43 5.42 1.36
C ILE A 122 -2.09 6.82 1.86
N LEU A 123 -2.03 7.76 0.94
CA LEU A 123 -1.72 9.14 1.25
C LEU A 123 -2.84 9.80 2.04
N ALA A 124 -4.06 9.32 1.83
CA ALA A 124 -5.23 9.80 2.58
C ALA A 124 -5.06 9.50 4.06
N ALA A 125 -4.20 8.55 4.35
CA ALA A 125 -3.92 8.15 5.71
C ALA A 125 -2.62 8.78 6.18
N GLY A 126 -2.05 9.60 5.31
CA GLY A 126 -0.78 10.21 5.58
C GLY A 126 0.35 9.35 5.07
N GLY A 127 0.00 8.11 4.74
CA GLY A 127 0.96 7.14 4.25
C GLY A 127 1.77 7.63 3.09
N VAL A 128 3.06 7.35 3.13
CA VAL A 128 3.97 7.79 2.08
C VAL A 128 4.37 6.61 1.20
N VAL A 129 4.34 6.82 -0.10
CA VAL A 129 4.58 5.74 -1.04
C VAL A 129 5.99 5.81 -1.63
N GLY A 130 6.70 4.69 -1.56
CA GLY A 130 8.01 4.60 -2.16
C GLY A 130 8.01 3.62 -3.31
N LEU A 131 9.18 3.36 -3.89
CA LEU A 131 9.28 2.43 -5.01
C LEU A 131 10.14 1.24 -4.62
N ASP A 132 9.51 0.08 -4.52
CA ASP A 132 10.22 -1.17 -4.27
C ASP A 132 10.39 -1.94 -5.56
N SER A 133 9.27 -2.30 -6.15
CA SER A 133 9.30 -3.12 -7.36
C SER A 133 8.00 -2.99 -8.13
N GLU A 134 8.07 -2.46 -9.34
CA GLU A 134 6.89 -2.38 -10.18
C GLU A 134 6.53 -3.75 -10.72
N VAL A 135 5.22 -4.06 -10.66
CA VAL A 135 4.67 -5.40 -10.93
C VAL A 135 5.66 -6.53 -10.66
N LYS A 136 5.55 -7.09 -9.44
CA LYS A 136 6.40 -8.17 -8.94
C LYS A 136 7.81 -8.16 -9.52
N LEU A 137 8.46 -7.01 -9.36
CA LEU A 137 9.84 -6.78 -9.80
C LEU A 137 9.98 -7.00 -11.31
N ALA A 138 9.47 -6.05 -12.07
CA ALA A 138 9.58 -6.08 -13.52
C ALA A 138 10.88 -5.43 -13.95
N GLU A 58 1.10 -10.93 -9.15
CA GLU A 58 1.40 -9.75 -9.98
C GLU A 58 1.11 -8.46 -9.22
N MET A 59 2.15 -7.66 -8.92
CA MET A 59 1.97 -6.49 -8.07
C MET A 59 3.25 -5.66 -7.86
N THR A 60 3.09 -4.34 -7.94
CA THR A 60 4.17 -3.37 -7.72
C THR A 60 4.18 -2.89 -6.27
N ARG A 61 5.34 -2.95 -5.64
CA ARG A 61 5.47 -2.73 -4.22
C ARG A 61 5.86 -1.28 -3.91
N LEU A 62 4.98 -0.60 -3.18
CA LEU A 62 5.25 0.74 -2.66
C LEU A 62 5.41 0.69 -1.16
N MET A 63 6.63 0.88 -0.68
CA MET A 63 6.88 0.93 0.76
C MET A 63 6.28 2.18 1.36
N VAL A 64 5.43 1.98 2.34
CA VAL A 64 4.90 3.05 3.15
C VAL A 64 5.57 3.01 4.50
N THR A 65 5.88 4.14 5.08
CA THR A 65 6.47 4.14 6.41
C THR A 65 5.57 4.86 7.39
N GLU A 66 5.31 4.20 8.52
CA GLU A 66 4.46 4.75 9.55
C GLU A 66 5.29 5.32 10.70
N LYS A 67 5.26 6.64 10.82
CA LYS A 67 5.94 7.33 11.91
C LYS A 67 5.10 8.52 12.34
N GLN A 68 5.63 9.44 13.13
CA GLN A 68 4.84 10.59 13.58
C GLN A 68 4.21 11.34 12.41
N GLU A 69 4.79 11.16 11.24
CA GLU A 69 4.25 11.69 10.00
C GLU A 69 3.01 10.92 9.55
N SER A 70 3.18 9.63 9.32
CA SER A 70 2.19 8.83 8.63
C SER A 70 1.75 7.61 9.45
N LYS A 71 1.94 7.65 10.76
CA LYS A 71 1.45 6.58 11.63
C LYS A 71 -0.06 6.43 11.50
N ASN A 72 -0.70 7.49 11.03
CA ASN A 72 -2.13 7.48 10.74
C ASN A 72 -2.47 6.39 9.74
N PHE A 73 -1.46 5.99 8.96
CA PHE A 73 -1.63 4.98 7.92
C PHE A 73 -1.60 3.58 8.51
N SER A 74 -0.92 3.42 9.65
CA SER A 74 -0.66 2.09 10.22
C SER A 74 -1.93 1.25 10.33
N LYS A 75 -2.98 1.85 10.89
CA LYS A 75 -4.23 1.14 11.06
C LYS A 75 -5.11 1.29 9.81
N MET A 76 -4.78 2.25 8.96
CA MET A 76 -5.55 2.47 7.73
C MET A 76 -5.44 1.27 6.82
N ALA A 77 -4.21 0.85 6.60
CA ALA A 77 -3.93 -0.30 5.77
C ALA A 77 -4.58 -1.55 6.36
N LYS A 78 -4.47 -1.67 7.66
CA LYS A 78 -5.02 -2.79 8.40
C LYS A 78 -6.51 -2.70 8.59
N SER A 79 -7.10 -1.60 8.16
CA SER A 79 -8.53 -1.42 8.29
C SER A 79 -9.25 -2.29 7.27
N GLN A 80 -10.53 -2.57 7.51
CA GLN A 80 -11.29 -3.49 6.69
C GLN A 80 -11.21 -3.13 5.20
N SER A 81 -11.39 -1.85 4.91
CA SER A 81 -11.38 -1.37 3.54
C SER A 81 -10.05 -1.70 2.85
N PHE A 82 -8.95 -1.31 3.48
CA PHE A 82 -7.65 -1.47 2.85
C PHE A 82 -7.16 -2.90 2.95
N SER A 83 -7.67 -3.65 3.91
CA SER A 83 -7.30 -5.07 4.02
C SER A 83 -7.79 -5.84 2.80
N THR A 84 -8.77 -5.29 2.10
CA THR A 84 -9.32 -5.89 0.91
C THR A 84 -8.80 -5.27 -0.40
N ARG A 85 -8.65 -3.94 -0.42
CA ARG A 85 -8.66 -3.15 -1.66
C ARG A 85 -7.81 -3.73 -2.81
N ILE A 86 -6.50 -3.94 -2.59
CA ILE A 86 -5.61 -4.38 -3.65
C ILE A 86 -5.55 -5.90 -3.67
N GLU A 87 -5.83 -6.47 -2.51
CA GLU A 87 -5.86 -7.91 -2.32
C GLU A 87 -6.75 -8.58 -3.37
N GLU A 88 -7.74 -7.83 -3.86
CA GLU A 88 -8.67 -8.35 -4.87
C GLU A 88 -8.09 -8.19 -6.27
N LEU A 89 -7.20 -7.22 -6.40
CA LEU A 89 -6.75 -6.77 -7.70
C LEU A 89 -5.49 -7.49 -8.16
N GLY A 90 -4.86 -8.21 -7.25
CA GLY A 90 -3.67 -8.95 -7.61
C GLY A 90 -2.53 -8.69 -6.67
N GLY A 91 -2.58 -7.54 -6.02
CA GLY A 91 -1.55 -7.17 -5.07
C GLY A 91 -1.98 -7.44 -3.64
N SER A 92 -1.37 -6.76 -2.67
CA SER A 92 -1.73 -6.94 -1.27
C SER A 92 -0.86 -6.09 -0.35
N ILE A 93 -1.10 -6.20 0.96
CA ILE A 93 -0.35 -5.46 1.96
C ILE A 93 0.75 -6.32 2.59
N SER A 94 1.89 -5.71 2.86
CA SER A 94 2.94 -6.34 3.61
C SER A 94 3.36 -5.43 4.76
N PHE A 95 3.10 -5.85 5.98
CA PHE A 95 3.49 -5.05 7.13
C PHE A 95 4.83 -5.51 7.68
N LEU A 96 5.79 -4.61 7.62
CA LEU A 96 7.10 -4.85 8.18
C LEU A 96 7.18 -4.05 9.48
N THR A 97 6.43 -4.51 10.47
CA THR A 97 6.17 -3.74 11.70
C THR A 97 7.42 -3.55 12.56
N GLU A 98 8.52 -4.21 12.18
CA GLU A 98 9.78 -4.05 12.88
C GLU A 98 10.27 -2.60 12.85
N THR A 99 10.04 -1.94 11.72
CA THR A 99 10.50 -0.58 11.54
C THR A 99 9.31 0.36 11.27
N GLY A 100 8.15 -0.23 11.02
CA GLY A 100 6.98 0.56 10.73
C GLY A 100 6.83 0.81 9.25
N VAL A 101 7.11 -0.20 8.45
CA VAL A 101 6.96 -0.08 7.01
C VAL A 101 5.79 -0.94 6.54
N THR A 102 4.95 -0.37 5.71
CA THR A 102 3.91 -1.13 5.04
C THR A 102 4.15 -1.16 3.55
N MET A 103 4.61 -2.28 3.05
CA MET A 103 4.83 -2.42 1.61
C MET A 103 3.52 -2.81 0.92
N ILE A 104 2.96 -1.91 0.13
CA ILE A 104 1.77 -2.24 -0.64
C ILE A 104 2.15 -2.69 -2.03
N GLU A 105 1.81 -3.91 -2.33
CA GLU A 105 2.04 -4.42 -3.65
C GLU A 105 0.78 -4.28 -4.49
N LEU A 106 0.87 -3.50 -5.56
CA LEU A 106 -0.24 -3.29 -6.47
C LEU A 106 0.25 -3.32 -7.90
N PRO A 107 -0.36 -4.14 -8.74
CA PRO A 107 0.00 -4.25 -10.13
C PRO A 107 -0.58 -3.12 -10.95
N LYS A 108 0.13 -2.68 -11.97
CA LYS A 108 -0.37 -1.62 -12.83
C LYS A 108 -1.56 -2.12 -13.65
N THR A 109 -1.81 -3.41 -13.53
CA THR A 109 -2.92 -4.04 -14.21
C THR A 109 -4.23 -3.84 -13.45
N VAL A 110 -4.16 -3.22 -12.27
CA VAL A 110 -5.37 -2.79 -11.57
C VAL A 110 -6.03 -1.66 -12.36
N SER A 111 -7.29 -1.42 -12.09
CA SER A 111 -7.97 -0.28 -12.66
C SER A 111 -7.29 1.00 -12.17
N GLU A 112 -7.33 2.06 -12.95
CA GLU A 112 -6.71 3.32 -12.55
C GLU A 112 -7.31 3.80 -11.24
N HIS A 113 -8.59 3.46 -11.02
CA HIS A 113 -9.25 3.68 -9.74
C HIS A 113 -8.43 3.08 -8.61
N ASP A 114 -8.06 1.83 -8.80
CA ASP A 114 -7.37 1.06 -7.78
C ASP A 114 -5.92 1.49 -7.69
N MET A 115 -5.38 1.97 -8.79
CA MET A 115 -3.98 2.35 -8.85
C MET A 115 -3.77 3.77 -8.33
N ASP A 116 -4.71 4.65 -8.64
CA ASP A 116 -4.60 6.03 -8.17
C ASP A 116 -5.27 6.18 -6.82
N GLN A 117 -6.58 5.99 -6.78
CA GLN A 117 -7.36 6.27 -5.58
C GLN A 117 -6.98 5.37 -4.40
N LEU A 118 -6.64 4.12 -4.65
CA LEU A 118 -6.29 3.22 -3.55
C LEU A 118 -4.88 3.48 -3.05
N LEU A 119 -3.95 3.78 -3.94
CA LEU A 119 -2.60 4.15 -3.51
C LEU A 119 -2.64 5.56 -2.95
N HIS A 120 -3.74 6.24 -3.22
CA HIS A 120 -3.98 7.56 -2.69
C HIS A 120 -4.68 7.47 -1.35
N ASP A 121 -5.37 6.35 -1.11
CA ASP A 121 -5.99 6.10 0.20
C ASP A 121 -4.87 5.96 1.19
N ILE A 122 -3.74 5.52 0.66
CA ILE A 122 -2.49 5.49 1.37
C ILE A 122 -2.14 6.89 1.83
N LEU A 123 -2.08 7.81 0.89
CA LEU A 123 -1.77 9.20 1.16
C LEU A 123 -2.87 9.85 2.01
N ALA A 124 -4.10 9.37 1.86
CA ALA A 124 -5.23 9.85 2.64
C ALA A 124 -5.01 9.56 4.11
N ALA A 125 -4.10 8.63 4.37
CA ALA A 125 -3.75 8.24 5.71
C ALA A 125 -2.42 8.84 6.11
N GLY A 126 -1.87 9.65 5.22
CA GLY A 126 -0.56 10.22 5.43
C GLY A 126 0.52 9.30 4.92
N GLY A 127 0.11 8.09 4.56
CA GLY A 127 1.03 7.07 4.12
C GLY A 127 1.78 7.47 2.86
N VAL A 128 3.09 7.32 2.90
CA VAL A 128 3.95 7.70 1.80
C VAL A 128 4.37 6.48 0.98
N VAL A 129 4.29 6.60 -0.34
CA VAL A 129 4.54 5.45 -1.22
C VAL A 129 5.89 5.54 -1.91
N GLY A 130 6.54 4.38 -2.11
CA GLY A 130 7.83 4.36 -2.77
C GLY A 130 7.90 3.36 -3.90
N LEU A 131 9.09 3.20 -4.49
CA LEU A 131 9.30 2.26 -5.58
C LEU A 131 10.23 1.13 -5.14
N ASP A 132 9.63 0.11 -4.55
CA ASP A 132 10.36 -1.06 -4.08
C ASP A 132 10.57 -2.04 -5.20
N SER A 133 9.47 -2.45 -5.78
CA SER A 133 9.49 -3.46 -6.80
C SER A 133 8.34 -3.21 -7.76
N GLU A 134 8.59 -3.24 -9.04
CA GLU A 134 7.50 -3.20 -9.99
C GLU A 134 6.85 -4.58 -10.03
N VAL A 135 5.92 -4.81 -10.97
CA VAL A 135 5.12 -6.05 -11.00
C VAL A 135 5.90 -7.28 -10.52
N LYS A 136 5.64 -7.64 -9.26
CA LYS A 136 6.35 -8.69 -8.50
C LYS A 136 7.84 -8.73 -8.79
N LEU A 137 8.52 -7.75 -8.26
CA LEU A 137 9.98 -7.69 -8.31
C LEU A 137 10.54 -7.90 -6.89
N ALA A 138 9.65 -8.26 -5.97
CA ALA A 138 10.04 -8.51 -4.59
C ALA A 138 9.81 -9.97 -4.24
N GLU A 58 0.45 -10.47 -10.19
CA GLU A 58 1.50 -9.43 -10.27
C GLU A 58 1.15 -8.27 -9.34
N MET A 59 2.17 -7.51 -8.93
CA MET A 59 1.93 -6.37 -8.03
C MET A 59 3.20 -5.57 -7.72
N THR A 60 3.13 -4.27 -7.96
CA THR A 60 4.22 -3.33 -7.70
C THR A 60 4.25 -2.94 -6.22
N ARG A 61 5.38 -3.08 -5.61
CA ARG A 61 5.49 -2.86 -4.17
C ARG A 61 5.87 -1.41 -3.86
N LEU A 62 4.99 -0.72 -3.14
CA LEU A 62 5.29 0.62 -2.62
C LEU A 62 5.49 0.56 -1.13
N MET A 63 6.63 1.04 -0.66
CA MET A 63 6.91 1.07 0.76
C MET A 63 6.24 2.28 1.40
N VAL A 64 5.53 2.03 2.47
CA VAL A 64 4.82 3.06 3.20
C VAL A 64 5.30 3.10 4.64
N THR A 65 6.12 4.09 4.99
CA THR A 65 6.66 4.15 6.33
C THR A 65 5.71 4.83 7.31
N GLU A 66 5.55 4.18 8.45
CA GLU A 66 4.72 4.68 9.51
C GLU A 66 5.57 5.34 10.59
N LYS A 67 5.43 6.64 10.73
CA LYS A 67 6.10 7.37 11.79
C LYS A 67 5.18 8.47 12.27
N GLN A 68 5.66 9.40 13.08
CA GLN A 68 4.79 10.48 13.57
C GLN A 68 4.12 11.20 12.39
N GLU A 69 4.77 11.11 11.24
CA GLU A 69 4.21 11.58 9.99
C GLU A 69 2.99 10.75 9.58
N SER A 70 3.22 9.46 9.38
CA SER A 70 2.26 8.61 8.68
C SER A 70 1.79 7.43 9.51
N LYS A 71 1.97 7.48 10.82
CA LYS A 71 1.46 6.40 11.65
C LYS A 71 -0.08 6.40 11.66
N ASN A 72 -0.66 7.44 11.08
CA ASN A 72 -2.09 7.47 10.80
C ASN A 72 -2.45 6.34 9.84
N PHE A 73 -1.48 5.98 9.02
CA PHE A 73 -1.65 4.96 8.01
C PHE A 73 -1.72 3.55 8.62
N SER A 74 -1.14 3.41 9.82
CA SER A 74 -1.00 2.09 10.46
C SER A 74 -2.32 1.32 10.44
N LYS A 75 -3.36 1.92 11.00
CA LYS A 75 -4.66 1.28 11.07
C LYS A 75 -5.43 1.44 9.77
N MET A 76 -5.00 2.35 8.91
CA MET A 76 -5.65 2.53 7.62
C MET A 76 -5.45 1.28 6.79
N ALA A 77 -4.20 0.84 6.72
CA ALA A 77 -3.85 -0.35 5.96
C ALA A 77 -4.48 -1.60 6.56
N LYS A 78 -4.59 -1.61 7.89
CA LYS A 78 -5.14 -2.75 8.59
C LYS A 78 -6.66 -2.71 8.60
N SER A 79 -7.22 -1.62 8.09
CA SER A 79 -8.67 -1.43 8.08
C SER A 79 -9.32 -2.46 7.16
N GLN A 80 -10.58 -2.79 7.43
CA GLN A 80 -11.31 -3.79 6.65
C GLN A 80 -11.31 -3.43 5.17
N SER A 81 -11.42 -2.14 4.88
CA SER A 81 -11.43 -1.65 3.52
C SER A 81 -10.06 -1.87 2.86
N PHE A 82 -9.00 -1.41 3.50
CA PHE A 82 -7.68 -1.49 2.91
C PHE A 82 -7.13 -2.91 2.97
N SER A 83 -7.66 -3.73 3.87
CA SER A 83 -7.31 -5.14 3.87
C SER A 83 -7.68 -5.77 2.52
N THR A 84 -8.76 -5.31 1.94
CA THR A 84 -9.29 -5.89 0.72
C THR A 84 -8.83 -5.16 -0.55
N ARG A 85 -8.63 -3.85 -0.45
CA ARG A 85 -8.61 -2.96 -1.62
C ARG A 85 -7.74 -3.48 -2.77
N ILE A 86 -6.45 -3.70 -2.54
CA ILE A 86 -5.57 -4.14 -3.60
C ILE A 86 -5.54 -5.66 -3.66
N GLU A 87 -5.67 -6.29 -2.49
CA GLU A 87 -5.65 -7.75 -2.40
C GLU A 87 -6.68 -8.40 -3.32
N GLU A 88 -7.77 -7.69 -3.60
CA GLU A 88 -8.77 -8.17 -4.52
C GLU A 88 -8.42 -7.80 -5.97
N LEU A 89 -7.68 -6.71 -6.14
CA LEU A 89 -7.29 -6.25 -7.46
C LEU A 89 -6.07 -7.02 -7.99
N GLY A 90 -5.32 -7.63 -7.09
CA GLY A 90 -4.18 -8.42 -7.52
C GLY A 90 -2.95 -8.24 -6.65
N GLY A 91 -2.89 -7.13 -5.91
CA GLY A 91 -1.77 -6.89 -5.03
C GLY A 91 -2.07 -7.28 -3.59
N SER A 92 -1.42 -6.64 -2.61
CA SER A 92 -1.69 -6.92 -1.20
C SER A 92 -0.84 -6.07 -0.25
N ILE A 93 -1.04 -6.29 1.05
CA ILE A 93 -0.32 -5.56 2.10
C ILE A 93 0.85 -6.39 2.66
N SER A 94 1.96 -5.74 2.94
CA SER A 94 3.06 -6.35 3.66
C SER A 94 3.50 -5.45 4.80
N PHE A 95 3.25 -5.86 6.04
CA PHE A 95 3.68 -5.08 7.17
C PHE A 95 5.06 -5.51 7.65
N LEU A 96 5.98 -4.57 7.56
CA LEU A 96 7.31 -4.75 8.09
C LEU A 96 7.41 -3.94 9.38
N THR A 97 6.77 -4.46 10.43
CA THR A 97 6.58 -3.72 11.67
C THR A 97 7.88 -3.55 12.45
N GLU A 98 8.94 -4.17 11.97
CA GLU A 98 10.27 -4.00 12.55
C GLU A 98 10.67 -2.54 12.61
N THR A 99 10.33 -1.80 11.56
CA THR A 99 10.64 -0.38 11.50
C THR A 99 9.35 0.44 11.30
N GLY A 100 8.26 -0.26 11.00
CA GLY A 100 7.00 0.43 10.77
C GLY A 100 6.77 0.73 9.32
N VAL A 101 7.13 -0.20 8.45
CA VAL A 101 6.91 -0.01 7.03
C VAL A 101 5.79 -0.91 6.53
N THR A 102 4.87 -0.34 5.78
CA THR A 102 3.84 -1.12 5.12
C THR A 102 4.10 -1.15 3.61
N MET A 103 4.51 -2.29 3.09
CA MET A 103 4.74 -2.41 1.66
C MET A 103 3.46 -2.84 0.95
N ILE A 104 2.88 -1.94 0.17
CA ILE A 104 1.70 -2.29 -0.62
C ILE A 104 2.10 -2.69 -2.03
N GLU A 105 1.81 -3.91 -2.36
CA GLU A 105 2.04 -4.40 -3.69
C GLU A 105 0.78 -4.21 -4.53
N LEU A 106 0.91 -3.55 -5.68
CA LEU A 106 -0.20 -3.29 -6.58
C LEU A 106 0.24 -3.34 -8.02
N PRO A 107 -0.41 -4.17 -8.83
CA PRO A 107 -0.07 -4.32 -10.25
C PRO A 107 -0.57 -3.16 -11.10
N LYS A 108 0.15 -2.83 -12.14
CA LYS A 108 -0.23 -1.73 -13.01
C LYS A 108 -1.35 -2.15 -13.94
N THR A 109 -1.84 -3.37 -13.72
CA THR A 109 -2.96 -3.89 -14.46
C THR A 109 -4.29 -3.66 -13.73
N VAL A 110 -4.23 -3.15 -12.49
CA VAL A 110 -5.45 -2.76 -11.79
C VAL A 110 -6.15 -1.63 -12.52
N SER A 111 -7.43 -1.47 -12.24
CA SER A 111 -8.16 -0.31 -12.72
C SER A 111 -7.56 0.95 -12.06
N GLU A 112 -7.50 2.05 -12.78
CA GLU A 112 -6.84 3.26 -12.30
C GLU A 112 -7.42 3.73 -10.96
N HIS A 113 -8.66 3.36 -10.68
CA HIS A 113 -9.30 3.70 -9.40
C HIS A 113 -8.56 3.03 -8.24
N ASP A 114 -7.88 1.94 -8.53
CA ASP A 114 -7.13 1.19 -7.54
C ASP A 114 -5.69 1.70 -7.51
N MET A 115 -5.13 1.86 -8.69
CA MET A 115 -3.76 2.32 -8.83
C MET A 115 -3.60 3.76 -8.38
N ASP A 116 -4.58 4.59 -8.70
CA ASP A 116 -4.55 5.98 -8.28
C ASP A 116 -5.20 6.16 -6.92
N GLN A 117 -6.51 5.98 -6.85
CA GLN A 117 -7.28 6.31 -5.66
C GLN A 117 -6.93 5.42 -4.45
N LEU A 118 -6.63 4.14 -4.67
CA LEU A 118 -6.28 3.28 -3.54
C LEU A 118 -4.85 3.49 -3.10
N LEU A 119 -3.94 3.63 -4.06
CA LEU A 119 -2.58 4.06 -3.69
C LEU A 119 -2.59 5.48 -3.13
N HIS A 120 -3.68 6.18 -3.38
CA HIS A 120 -3.89 7.50 -2.81
C HIS A 120 -4.58 7.38 -1.47
N ASP A 121 -5.27 6.26 -1.26
CA ASP A 121 -5.89 5.97 0.04
C ASP A 121 -4.77 5.86 1.05
N ILE A 122 -3.64 5.40 0.53
CA ILE A 122 -2.39 5.38 1.25
C ILE A 122 -2.04 6.79 1.73
N LEU A 123 -2.05 7.72 0.79
CA LEU A 123 -1.76 9.12 1.09
C LEU A 123 -2.88 9.77 1.88
N ALA A 124 -4.09 9.25 1.70
CA ALA A 124 -5.25 9.71 2.44
C ALA A 124 -5.11 9.35 3.92
N ALA A 125 -4.20 8.44 4.19
CA ALA A 125 -3.87 8.04 5.54
C ALA A 125 -2.63 8.79 6.02
N GLY A 126 -2.08 9.59 5.13
CA GLY A 126 -0.87 10.30 5.42
C GLY A 126 0.34 9.46 5.05
N GLY A 127 0.05 8.30 4.49
CA GLY A 127 1.09 7.36 4.12
C GLY A 127 1.91 7.83 2.94
N VAL A 128 3.11 7.31 2.82
CA VAL A 128 3.99 7.66 1.73
C VAL A 128 4.14 6.48 0.80
N VAL A 129 4.47 6.73 -0.45
CA VAL A 129 4.62 5.66 -1.42
C VAL A 129 6.02 5.68 -2.06
N GLY A 130 6.70 4.55 -2.00
CA GLY A 130 8.03 4.45 -2.59
C GLY A 130 8.19 3.15 -3.38
N LEU A 131 8.92 3.20 -4.47
CA LEU A 131 9.03 2.06 -5.36
C LEU A 131 10.00 1.01 -4.82
N ASP A 132 9.43 -0.10 -4.37
CA ASP A 132 10.21 -1.26 -3.92
C ASP A 132 10.35 -2.26 -5.04
N SER A 133 9.37 -2.25 -5.92
CA SER A 133 9.32 -3.17 -7.02
C SER A 133 8.54 -2.56 -8.17
N GLU A 134 8.58 -3.21 -9.31
CA GLU A 134 7.72 -2.86 -10.43
C GLU A 134 7.13 -4.14 -11.00
N VAL A 135 5.80 -4.23 -10.92
CA VAL A 135 5.03 -5.48 -11.08
C VAL A 135 5.82 -6.72 -10.61
N LYS A 136 5.52 -7.09 -9.37
CA LYS A 136 6.12 -8.20 -8.62
C LYS A 136 7.60 -8.46 -8.87
N LEU A 137 8.40 -8.11 -7.88
CA LEU A 137 9.74 -8.67 -7.75
C LEU A 137 9.62 -9.98 -6.97
N ALA A 138 8.39 -10.33 -6.67
CA ALA A 138 8.06 -11.57 -6.00
C ALA A 138 8.20 -12.74 -6.96
#